data_5KWA
#
_entry.id   5KWA
#
_cell.length_a   111.931
_cell.length_b   111.931
_cell.length_c   196.072
_cell.angle_alpha   90.00
_cell.angle_beta   90.00
_cell.angle_gamma   120.00
#
_symmetry.space_group_name_H-M   'P 3 2 1'
#
loop_
_entity.id
_entity.type
_entity.pdbx_description
1 polymer 'Proteasome-associated ATPase'
2 non-polymer "ADENOSINE-5'-DIPHOSPHATE"
3 non-polymer 'MAGNESIUM ION'
4 water water
#
_entity_poly.entity_id   1
_entity_poly.type   'polypeptide(L)'
_entity_poly.pdbx_seq_one_letter_code
;HHHGQPPSGYGVLLATHDDDTVDVFTSGRKMRLTCSPNIDAASLKKGQTVRLNEALTVVEAGTFEAVGEISTLREILADG
HRALVVGHADEERVVWLADPLIGGGPRKLRPGDSLLVDTKAGYAFERIPKAEVEDLVLEEVPDVSYADIGGLSRQIEQIR
DAVELPFLHKELYREYSLRPPKGVLLYGPPGCGKTLIAKAVANSLAKKMAEVRGDDAHEAKSYFLNIKGPELLNKFVGET
ERHIRLIFQRAREKASEGTPVIVFFDEMDSIFRTRGTGVSSDVETTVVPQLLSEIDGVEGLENVIVIGASNREDMIDPAI
LRPGRLDVKIKIERPDAEAAQDIYSKYLTEFLPVHADDLAEFDGDRSACIKAMIEKVVDRMYAEIDDNRFLEVTYANGDK
EVMYFKDFNSGAMIQNVVDRAKKNAIKSVLETGQPGLRIQHLLDSIVDEFAENEDLPNTTNPDDWARISGKKGERIVYIR
TLVTGKSSSASRAIDTE
;
_entity_poly.pdbx_strand_id   A,B
#
# COMPACT_ATOMS: atom_id res chain seq x y z
N PRO A 6 18.76 53.90 -13.22
CA PRO A 6 18.51 52.56 -13.79
C PRO A 6 18.35 51.44 -12.74
N PRO A 7 19.37 51.19 -11.87
CA PRO A 7 19.24 50.07 -10.92
C PRO A 7 18.30 50.38 -9.76
N SER A 8 17.28 49.53 -9.57
CA SER A 8 16.19 49.77 -8.61
C SER A 8 15.97 48.60 -7.64
N GLY A 9 15.53 48.92 -6.42
CA GLY A 9 15.20 47.93 -5.38
C GLY A 9 13.70 47.64 -5.32
N TYR A 10 13.30 46.89 -4.29
CA TYR A 10 11.91 46.43 -4.14
C TYR A 10 11.40 46.49 -2.69
N GLY A 11 10.10 46.28 -2.54
CA GLY A 11 9.46 46.20 -1.23
C GLY A 11 8.02 45.74 -1.29
N VAL A 12 7.43 45.50 -0.12
CA VAL A 12 6.06 45.02 0.02
C VAL A 12 5.20 46.15 0.57
N LEU A 13 4.02 46.37 -0.03
CA LEU A 13 3.08 47.40 0.42
C LEU A 13 2.29 46.94 1.65
N LEU A 14 2.23 47.81 2.66
CA LEU A 14 1.55 47.51 3.92
C LEU A 14 0.24 48.27 4.07
N ALA A 15 0.26 49.59 3.82
CA ALA A 15 -0.94 50.43 3.94
C ALA A 15 -0.88 51.70 3.08
N THR A 16 -2.05 52.28 2.82
CA THR A 16 -2.20 53.51 2.03
C THR A 16 -3.08 54.53 2.76
N HIS A 17 -2.65 55.79 2.78
CA HIS A 17 -3.27 56.84 3.61
C HIS A 17 -4.01 57.89 2.78
N ASP A 18 -4.64 58.83 3.48
CA ASP A 18 -5.23 60.03 2.87
C ASP A 18 -4.16 60.96 2.31
N ASP A 19 -2.94 60.85 2.83
CA ASP A 19 -1.78 61.65 2.40
C ASP A 19 -1.21 61.31 0.99
N ASP A 20 -1.78 60.33 0.28
CA ASP A 20 -1.25 59.82 -1.01
C ASP A 20 0.16 59.19 -0.89
N THR A 21 0.49 58.71 0.31
CA THR A 21 1.75 58.03 0.60
C THR A 21 1.47 56.59 1.05
N VAL A 22 2.53 55.80 1.16
CA VAL A 22 2.42 54.37 1.42
C VAL A 22 3.43 53.89 2.45
N ASP A 23 2.98 52.94 3.28
CA ASP A 23 3.88 52.17 4.16
C ASP A 23 4.42 50.98 3.36
N VAL A 24 5.76 50.91 3.22
CA VAL A 24 6.41 49.85 2.43
C VAL A 24 7.51 49.16 3.23
N PHE A 25 7.49 47.83 3.25
CA PHE A 25 8.54 47.04 3.86
C PHE A 25 9.62 46.79 2.80
N THR A 26 10.75 47.47 2.93
CA THR A 26 11.91 47.35 2.02
C THR A 26 13.18 47.22 2.84
N SER A 27 14.08 46.34 2.40
CA SER A 27 15.42 46.21 2.99
C SER A 27 15.37 45.91 4.49
N GLY A 28 14.44 45.04 4.88
CA GLY A 28 14.26 44.63 6.28
C GLY A 28 13.71 45.66 7.25
N ARG A 29 13.03 46.68 6.74
CA ARG A 29 12.51 47.77 7.58
C ARG A 29 11.26 48.41 6.98
N LYS A 30 10.48 49.03 7.87
CA LYS A 30 9.15 49.52 7.57
C LYS A 30 9.24 51.01 7.35
N MET A 31 8.82 51.46 6.15
CA MET A 31 9.05 52.85 5.69
C MET A 31 7.74 53.54 5.31
N ARG A 32 7.71 54.86 5.39
CA ARG A 32 6.69 55.71 4.74
C ARG A 32 7.36 56.32 3.51
N LEU A 33 6.82 56.03 2.33
CA LEU A 33 7.39 56.49 1.06
C LEU A 33 6.36 57.21 0.20
N THR A 34 6.84 58.14 -0.63
CA THR A 34 6.01 58.88 -1.57
C THR A 34 5.92 58.11 -2.88
N CYS A 35 4.71 58.00 -3.43
CA CYS A 35 4.51 57.43 -4.77
C CYS A 35 4.95 58.47 -5.81
N SER A 36 5.46 57.98 -6.94
CA SER A 36 5.85 58.89 -8.04
C SER A 36 4.59 59.47 -8.69
N PRO A 37 4.71 60.63 -9.38
CA PRO A 37 3.53 61.23 -10.01
C PRO A 37 2.81 60.30 -11.00
N ASN A 38 3.59 59.45 -11.68
CA ASN A 38 3.07 58.45 -12.63
C ASN A 38 2.07 57.49 -11.99
N ILE A 39 2.37 57.05 -10.76
CA ILE A 39 1.59 56.01 -10.07
C ILE A 39 0.35 56.59 -9.37
N ASP A 40 -0.77 55.88 -9.54
CA ASP A 40 -2.04 56.17 -8.86
C ASP A 40 -2.11 55.31 -7.59
N ALA A 41 -1.93 55.94 -6.42
CA ALA A 41 -1.84 55.22 -5.14
C ALA A 41 -3.14 54.53 -4.67
N ALA A 42 -4.29 54.99 -5.18
CA ALA A 42 -5.60 54.41 -4.83
C ALA A 42 -5.81 53.01 -5.40
N SER A 43 -5.25 52.74 -6.58
CA SER A 43 -5.37 51.42 -7.24
C SER A 43 -4.43 50.34 -6.70
N LEU A 44 -3.50 50.70 -5.80
CA LEU A 44 -2.61 49.73 -5.16
C LEU A 44 -3.34 48.93 -4.10
N LYS A 45 -2.85 47.71 -3.85
CA LYS A 45 -3.53 46.71 -3.06
C LYS A 45 -2.60 46.16 -1.97
N LYS A 46 -3.18 45.80 -0.82
CA LYS A 46 -2.41 45.31 0.34
C LYS A 46 -1.48 44.14 0.00
N GLY A 47 -0.23 44.23 0.46
CA GLY A 47 0.76 43.16 0.27
C GLY A 47 1.41 43.08 -1.10
N GLN A 48 1.17 44.07 -1.95
CA GLN A 48 1.66 44.08 -3.33
C GLN A 48 3.11 44.52 -3.38
N THR A 49 3.89 43.86 -4.24
CA THR A 49 5.30 44.19 -4.43
C THR A 49 5.38 45.49 -5.22
N VAL A 50 6.26 46.40 -4.77
CA VAL A 50 6.45 47.70 -5.40
C VAL A 50 7.93 47.91 -5.68
N ARG A 51 8.24 48.52 -6.84
CA ARG A 51 9.62 48.88 -7.19
C ARG A 51 9.95 50.28 -6.71
N LEU A 52 11.25 50.54 -6.48
CA LEU A 52 11.74 51.81 -5.93
C LEU A 52 12.88 52.43 -6.77
N ASN A 53 13.50 53.48 -6.25
CA ASN A 53 14.81 53.98 -6.70
C ASN A 53 15.63 54.35 -5.46
N GLU A 54 16.85 54.89 -5.62
CA GLU A 54 17.68 55.22 -4.44
C GLU A 54 17.18 56.43 -3.63
N ALA A 55 16.28 57.23 -4.21
CA ALA A 55 15.51 58.23 -3.44
C ALA A 55 14.41 57.57 -2.58
N LEU A 56 14.12 56.29 -2.84
CA LEU A 56 13.14 55.49 -2.11
C LEU A 56 11.75 56.07 -2.32
N THR A 57 11.34 56.03 -3.58
CA THR A 57 10.09 56.59 -4.08
C THR A 57 9.48 55.51 -4.95
N VAL A 58 8.19 55.23 -4.74
CA VAL A 58 7.52 54.12 -5.43
C VAL A 58 7.28 54.46 -6.90
N VAL A 59 7.95 53.73 -7.78
CA VAL A 59 7.90 53.98 -9.22
C VAL A 59 6.95 53.04 -9.99
N GLU A 60 6.72 51.82 -9.48
CA GLU A 60 5.84 50.86 -10.16
C GLU A 60 5.21 49.84 -9.20
N ALA A 61 3.95 49.48 -9.49
CA ALA A 61 3.27 48.38 -8.80
C ALA A 61 3.59 47.07 -9.53
N GLY A 62 3.99 46.05 -8.77
CA GLY A 62 4.30 44.73 -9.31
C GLY A 62 3.13 43.77 -9.10
N THR A 63 3.46 42.50 -8.88
CA THR A 63 2.49 41.46 -8.49
C THR A 63 2.75 41.10 -7.01
N PHE A 64 2.16 40.02 -6.52
CA PHE A 64 2.41 39.54 -5.16
C PHE A 64 3.55 38.52 -5.12
N GLU A 65 4.23 38.43 -3.97
CA GLU A 65 5.35 37.48 -3.77
C GLU A 65 4.82 36.06 -3.96
N ALA A 66 5.57 35.24 -4.72
CA ALA A 66 5.14 33.86 -5.04
C ALA A 66 6.10 32.75 -4.58
N VAL A 67 7.15 33.11 -3.84
CA VAL A 67 8.01 32.12 -3.17
C VAL A 67 8.34 32.58 -1.76
N GLY A 68 8.66 31.61 -0.89
CA GLY A 68 9.02 31.89 0.50
C GLY A 68 8.52 30.84 1.47
N GLU A 69 8.39 31.26 2.73
CA GLU A 69 7.95 30.37 3.81
C GLU A 69 6.49 29.99 3.62
N ILE A 70 6.14 28.81 4.13
CA ILE A 70 4.74 28.36 4.22
C ILE A 70 4.38 28.13 5.71
N SER A 71 3.17 28.54 6.07
CA SER A 71 2.62 28.33 7.41
C SER A 71 1.19 27.78 7.30
N THR A 72 0.76 27.12 8.37
CA THR A 72 -0.59 26.58 8.43
C THR A 72 -1.47 27.59 9.14
N LEU A 73 -2.62 27.90 8.53
CA LEU A 73 -3.57 28.86 9.08
C LEU A 73 -4.31 28.26 10.28
N ARG A 74 -4.26 28.93 11.43
CA ARG A 74 -5.09 28.55 12.58
C ARG A 74 -6.49 29.15 12.45
N GLU A 75 -6.57 30.47 12.31
CA GLU A 75 -7.86 31.16 12.15
C GLU A 75 -7.74 32.54 11.52
N ILE A 76 -8.89 33.11 11.15
CA ILE A 76 -8.98 34.50 10.75
C ILE A 76 -9.53 35.28 11.94
N LEU A 77 -8.91 36.42 12.24
CA LEU A 77 -9.31 37.24 13.39
C LEU A 77 -10.56 38.07 13.09
N ALA A 78 -11.10 38.72 14.13
CA ALA A 78 -12.39 39.42 14.06
C ALA A 78 -12.41 40.54 13.03
N ASP A 79 -11.38 41.39 13.05
CA ASP A 79 -11.20 42.48 12.06
C ASP A 79 -11.31 42.06 10.58
N GLY A 80 -11.04 40.79 10.27
CA GLY A 80 -11.16 40.25 8.92
C GLY A 80 -9.91 40.39 8.07
N HIS A 81 -8.96 41.24 8.50
CA HIS A 81 -7.75 41.57 7.74
C HIS A 81 -6.50 40.81 8.19
N ARG A 82 -6.54 40.23 9.39
CA ARG A 82 -5.39 39.51 9.94
C ARG A 82 -5.66 38.02 10.09
N ALA A 83 -4.59 37.25 9.99
CA ALA A 83 -4.63 35.80 10.15
C ALA A 83 -3.61 35.37 11.18
N LEU A 84 -4.02 34.41 12.02
CA LEU A 84 -3.15 33.78 12.99
C LEU A 84 -2.67 32.46 12.35
N VAL A 85 -1.38 32.39 12.03
CA VAL A 85 -0.78 31.22 11.36
C VAL A 85 0.33 30.61 12.21
N VAL A 86 0.63 29.34 11.94
CA VAL A 86 1.64 28.58 12.67
C VAL A 86 2.68 28.04 11.69
N GLY A 87 3.94 28.44 11.91
CA GLY A 87 5.06 28.02 11.09
C GLY A 87 5.63 26.66 11.47
N HIS A 88 6.78 26.35 10.87
CA HIS A 88 7.36 25.01 10.94
C HIS A 88 7.82 24.59 12.33
N ALA A 89 8.29 25.53 13.13
CA ALA A 89 8.82 25.21 14.46
C ALA A 89 7.76 25.32 15.56
N ASP A 90 6.48 25.20 15.19
CA ASP A 90 5.34 25.63 16.02
C ASP A 90 5.35 27.14 16.37
N GLU A 91 6.01 27.98 15.56
CA GLU A 91 6.01 29.43 15.80
C GLU A 91 4.71 30.03 15.29
N GLU A 92 3.80 30.32 16.22
CA GLU A 92 2.54 30.99 15.88
C GLU A 92 2.73 32.50 15.77
N ARG A 93 2.17 33.09 14.71
CA ARG A 93 2.29 34.54 14.45
C ARG A 93 0.98 35.09 13.85
N VAL A 94 0.74 36.38 14.09
CA VAL A 94 -0.31 37.11 13.37
C VAL A 94 0.33 37.73 12.14
N VAL A 95 -0.40 37.69 11.02
CA VAL A 95 0.04 38.35 9.77
C VAL A 95 -1.16 38.98 9.06
N TRP A 96 -0.87 40.02 8.27
CA TRP A 96 -1.87 40.68 7.44
C TRP A 96 -2.26 39.79 6.25
N LEU A 97 -3.53 39.88 5.85
CA LEU A 97 -3.99 39.24 4.62
C LEU A 97 -3.85 40.19 3.42
N ALA A 98 -3.08 39.75 2.41
CA ALA A 98 -2.94 40.45 1.15
C ALA A 98 -4.22 40.33 0.32
N ASP A 99 -4.39 41.23 -0.65
CA ASP A 99 -5.63 41.33 -1.44
C ASP A 99 -6.19 40.01 -1.99
N PRO A 100 -5.35 39.17 -2.62
CA PRO A 100 -5.88 37.91 -3.20
C PRO A 100 -6.57 36.93 -2.23
N LEU A 101 -6.39 37.13 -0.93
CA LEU A 101 -7.09 36.34 0.10
C LEU A 101 -8.37 37.04 0.59
N ILE A 102 -8.25 38.29 1.05
CA ILE A 102 -9.42 39.14 1.39
C ILE A 102 -10.28 39.43 0.15
N PRO A 106 -15.42 32.26 -3.73
CA PRO A 106 -14.33 33.21 -3.57
C PRO A 106 -12.89 32.66 -3.60
N ARG A 107 -12.51 31.58 -2.89
CA ARG A 107 -13.33 30.78 -1.96
C ARG A 107 -12.85 30.93 -0.50
N LYS A 108 -13.54 30.25 0.41
CA LYS A 108 -13.34 30.36 1.86
C LYS A 108 -11.97 29.85 2.35
N LEU A 109 -11.18 30.75 2.93
CA LEU A 109 -10.00 30.34 3.72
C LEU A 109 -10.49 29.70 5.00
N ARG A 110 -9.96 28.51 5.30
CA ARG A 110 -10.35 27.76 6.50
C ARG A 110 -9.12 27.28 7.28
N PRO A 111 -9.30 26.98 8.58
CA PRO A 111 -8.26 26.34 9.40
C PRO A 111 -7.73 25.02 8.82
N GLY A 112 -6.45 25.01 8.46
CA GLY A 112 -5.81 23.85 7.84
C GLY A 112 -5.08 24.22 6.57
N ASP A 113 -5.57 25.26 5.89
CA ASP A 113 -4.99 25.73 4.63
C ASP A 113 -3.55 26.23 4.78
N SER A 114 -2.74 25.94 3.76
CA SER A 114 -1.35 26.32 3.73
C SER A 114 -1.21 27.67 3.02
N LEU A 115 -0.57 28.63 3.69
CA LEU A 115 -0.43 29.99 3.17
C LEU A 115 1.04 30.36 2.96
N LEU A 116 1.34 30.99 1.83
CA LEU A 116 2.67 31.55 1.57
C LEU A 116 2.81 32.83 2.37
N VAL A 117 3.93 32.98 3.09
CA VAL A 117 4.10 34.08 4.04
C VAL A 117 5.50 34.69 4.02
N ASP A 118 5.56 36.00 4.22
CA ASP A 118 6.78 36.71 4.59
C ASP A 118 6.53 37.20 6.02
N THR A 119 7.20 36.56 6.98
CA THR A 119 7.00 36.86 8.40
C THR A 119 7.68 38.15 8.82
N LYS A 120 8.78 38.52 8.17
CA LYS A 120 9.45 39.78 8.47
C LYS A 120 8.55 40.96 8.07
N ALA A 121 7.93 40.86 6.88
CA ALA A 121 6.92 41.83 6.45
C ALA A 121 5.63 41.73 7.27
N GLY A 122 5.21 40.51 7.56
CA GLY A 122 3.97 40.24 8.30
C GLY A 122 2.78 40.12 7.36
N TYR A 123 2.96 39.36 6.29
CA TYR A 123 1.97 39.24 5.22
C TYR A 123 1.85 37.82 4.67
N ALA A 124 0.63 37.45 4.27
CA ALA A 124 0.34 36.15 3.68
C ALA A 124 -0.25 36.36 2.28
N PHE A 125 0.47 35.95 1.26
CA PHE A 125 0.18 36.39 -0.13
C PHE A 125 -0.68 35.42 -0.95
N GLU A 126 -0.75 34.15 -0.58
CA GLU A 126 -1.38 33.13 -1.42
C GLU A 126 -1.69 31.85 -0.64
N ARG A 127 -2.79 31.19 -1.00
CA ARG A 127 -3.15 29.86 -0.48
C ARG A 127 -2.64 28.80 -1.44
N ILE A 128 -1.66 28.01 -1.00
CA ILE A 128 -1.03 26.99 -1.84
C ILE A 128 -1.71 25.65 -1.61
N PRO A 129 -2.34 25.06 -2.66
CA PRO A 129 -2.96 23.75 -2.43
C PRO A 129 -1.91 22.67 -2.30
N LYS A 130 -2.24 21.61 -1.57
CA LYS A 130 -1.33 20.47 -1.37
C LYS A 130 -1.98 19.25 -1.98
N ALA A 131 -1.23 18.49 -2.78
CA ALA A 131 -1.79 17.34 -3.50
C ALA A 131 -2.34 16.30 -2.55
N GLU A 132 -1.52 15.89 -1.59
CA GLU A 132 -1.87 14.81 -0.65
C GLU A 132 -3.01 15.15 0.31
N VAL A 133 -3.16 16.42 0.70
CA VAL A 133 -4.34 16.82 1.51
C VAL A 133 -5.59 16.91 0.63
N GLU A 134 -5.41 17.31 -0.63
CA GLU A 134 -6.54 17.44 -1.56
C GLU A 134 -7.10 16.09 -1.97
N ASP A 135 -6.26 15.07 -2.10
CA ASP A 135 -6.71 13.72 -2.45
C ASP A 135 -7.28 12.97 -1.24
N LEU A 136 -6.85 13.36 -0.03
CA LEU A 136 -7.46 12.87 1.22
C LEU A 136 -8.93 13.26 1.32
N VAL A 137 -9.17 14.57 1.21
CA VAL A 137 -10.51 15.15 1.39
C VAL A 137 -11.36 15.26 0.11
N LEU A 138 -10.93 14.64 -0.98
CA LEU A 138 -11.66 14.70 -2.24
C LEU A 138 -12.96 13.91 -2.14
N GLU A 139 -14.04 14.48 -2.66
CA GLU A 139 -15.30 13.75 -2.83
C GLU A 139 -15.18 12.84 -4.05
N GLU A 140 -15.93 11.75 -4.06
CA GLU A 140 -15.98 10.85 -5.20
C GLU A 140 -17.43 10.54 -5.55
N VAL A 141 -17.70 10.36 -6.84
CA VAL A 141 -18.98 9.85 -7.29
C VAL A 141 -18.97 8.38 -6.89
N PRO A 142 -19.98 7.95 -6.12
CA PRO A 142 -19.97 6.55 -5.68
C PRO A 142 -20.13 5.61 -6.87
N ASP A 143 -19.40 4.50 -6.85
CA ASP A 143 -19.42 3.51 -7.93
C ASP A 143 -20.64 2.61 -7.77
N VAL A 144 -20.86 2.14 -6.54
CA VAL A 144 -21.75 1.01 -6.25
C VAL A 144 -23.20 1.47 -6.06
N SER A 145 -24.15 0.59 -6.39
CA SER A 145 -25.58 0.82 -6.14
C SER A 145 -26.20 -0.38 -5.42
N TYR A 146 -27.46 -0.25 -4.99
CA TYR A 146 -28.12 -1.33 -4.24
C TYR A 146 -28.32 -2.61 -5.08
N ALA A 147 -28.44 -2.45 -6.40
CA ALA A 147 -28.55 -3.60 -7.31
C ALA A 147 -27.26 -4.42 -7.37
N ASP A 148 -26.11 -3.77 -7.17
CA ASP A 148 -24.81 -4.44 -7.15
C ASP A 148 -24.56 -5.27 -5.88
N ILE A 149 -25.29 -4.97 -4.79
CA ILE A 149 -25.13 -5.62 -3.48
C ILE A 149 -26.17 -6.70 -3.29
N GLY A 150 -25.71 -7.95 -3.11
CA GLY A 150 -26.60 -9.09 -2.91
C GLY A 150 -26.68 -9.55 -1.46
N GLY A 151 -27.88 -9.94 -1.04
CA GLY A 151 -28.09 -10.60 0.25
C GLY A 151 -28.27 -9.72 1.49
N LEU A 152 -28.35 -8.40 1.31
CA LEU A 152 -28.40 -7.48 2.46
C LEU A 152 -29.61 -6.55 2.42
N SER A 153 -30.78 -7.12 2.15
CA SER A 153 -32.03 -6.33 2.02
C SER A 153 -32.44 -5.62 3.32
N ARG A 154 -32.42 -6.34 4.44
CA ARG A 154 -32.73 -5.73 5.74
C ARG A 154 -31.80 -4.56 6.01
N GLN A 155 -30.51 -4.80 5.87
CA GLN A 155 -29.47 -3.80 6.14
C GLN A 155 -29.57 -2.59 5.19
N ILE A 156 -30.03 -2.82 3.96
CA ILE A 156 -30.29 -1.74 3.00
C ILE A 156 -31.49 -0.89 3.45
N GLU A 157 -32.49 -1.52 4.05
CA GLU A 157 -33.60 -0.76 4.63
C GLU A 157 -33.14 0.06 5.85
N GLN A 158 -32.24 -0.50 6.65
CA GLN A 158 -31.77 0.17 7.87
C GLN A 158 -30.92 1.39 7.53
N ILE A 159 -30.02 1.24 6.56
CA ILE A 159 -29.18 2.37 6.09
C ILE A 159 -30.05 3.43 5.42
N ARG A 160 -31.11 3.03 4.71
CA ARG A 160 -32.07 3.97 4.11
C ARG A 160 -32.82 4.79 5.15
N ASP A 161 -33.33 4.10 6.17
CA ASP A 161 -34.05 4.72 7.28
C ASP A 161 -33.21 5.73 8.08
N ALA A 162 -31.90 5.48 8.19
CA ALA A 162 -30.99 6.35 8.94
C ALA A 162 -30.53 7.53 8.13
N VAL A 163 -30.02 7.25 6.94
CA VAL A 163 -29.35 8.25 6.09
C VAL A 163 -30.32 8.95 5.14
N GLU A 164 -31.10 8.16 4.40
CA GLU A 164 -31.89 8.68 3.28
C GLU A 164 -33.18 9.34 3.73
N LEU A 165 -33.93 8.66 4.59
CA LEU A 165 -35.30 9.04 4.95
C LEU A 165 -35.45 10.44 5.57
N PRO A 166 -34.62 10.81 6.58
CA PRO A 166 -34.67 12.17 7.11
C PRO A 166 -34.71 13.31 6.08
N PHE A 167 -33.91 13.20 5.04
CA PHE A 167 -33.80 14.24 4.00
C PHE A 167 -35.02 14.31 3.09
N LEU A 168 -35.62 13.17 2.79
CA LEU A 168 -36.79 13.13 1.91
C LEU A 168 -38.08 13.62 2.60
N HIS A 169 -38.19 13.35 3.89
CA HIS A 169 -39.41 13.69 4.65
C HIS A 169 -39.06 14.52 5.86
N LYS A 170 -38.50 15.70 5.63
CA LYS A 170 -38.06 16.59 6.71
C LYS A 170 -39.23 17.04 7.57
N GLU A 171 -40.33 17.45 6.93
CA GLU A 171 -41.48 18.01 7.65
C GLU A 171 -42.32 16.94 8.33
N LEU A 172 -42.29 15.73 7.81
CA LEU A 172 -42.91 14.60 8.50
C LEU A 172 -42.10 14.19 9.74
N TYR A 173 -40.78 14.32 9.67
CA TYR A 173 -39.90 14.07 10.82
C TYR A 173 -40.10 15.10 11.92
N ARG A 174 -40.24 16.36 11.52
CA ARG A 174 -40.54 17.45 12.45
C ARG A 174 -41.88 17.22 13.16
N GLU A 175 -42.90 16.81 12.41
CA GLU A 175 -44.25 16.53 12.95
C GLU A 175 -44.26 15.54 14.13
N TYR A 176 -43.44 14.49 14.04
CA TYR A 176 -43.35 13.47 15.09
C TYR A 176 -42.27 13.76 16.15
N SER A 177 -41.73 14.98 16.16
CA SER A 177 -40.67 15.39 17.09
C SER A 177 -39.48 14.43 17.11
N LEU A 178 -39.11 13.93 15.94
CA LEU A 178 -38.00 12.98 15.79
C LEU A 178 -36.81 13.72 15.21
N ARG A 179 -35.74 13.78 15.98
CA ARG A 179 -34.46 14.28 15.52
C ARG A 179 -33.80 13.15 14.71
N PRO A 180 -33.30 13.46 13.49
CA PRO A 180 -32.72 12.42 12.66
C PRO A 180 -31.35 11.95 13.20
N PRO A 181 -30.95 10.69 12.89
CA PRO A 181 -29.64 10.20 13.33
C PRO A 181 -28.46 10.98 12.75
N LYS A 182 -27.37 10.99 13.51
CA LYS A 182 -26.17 11.72 13.17
C LYS A 182 -25.13 10.84 12.48
N GLY A 183 -25.03 9.57 12.90
CA GLY A 183 -24.00 8.68 12.41
C GLY A 183 -24.36 7.22 12.45
N VAL A 184 -23.70 6.46 11.58
CA VAL A 184 -23.94 5.03 11.39
C VAL A 184 -22.65 4.27 11.62
N LEU A 185 -22.76 3.15 12.35
CA LEU A 185 -21.70 2.16 12.42
C LEU A 185 -22.11 0.98 11.55
N LEU A 186 -21.33 0.73 10.51
CA LEU A 186 -21.37 -0.57 9.82
C LEU A 186 -20.34 -1.46 10.50
N TYR A 187 -20.75 -2.66 10.90
CA TYR A 187 -19.85 -3.58 11.59
C TYR A 187 -20.19 -5.04 11.32
N GLY A 188 -19.16 -5.88 11.30
CA GLY A 188 -19.34 -7.31 11.09
C GLY A 188 -18.11 -7.95 10.48
N PRO A 189 -18.16 -9.27 10.23
CA PRO A 189 -17.02 -10.00 9.69
C PRO A 189 -16.55 -9.37 8.39
N PRO A 190 -15.28 -9.58 8.03
CA PRO A 190 -14.77 -8.95 6.82
C PRO A 190 -15.32 -9.56 5.53
N GLY A 191 -15.27 -8.76 4.48
CA GLY A 191 -15.65 -9.17 3.15
C GLY A 191 -17.14 -9.35 2.91
N CYS A 192 -17.98 -8.70 3.70
CA CYS A 192 -19.41 -9.00 3.66
C CYS A 192 -20.32 -7.88 3.13
N GLY A 193 -19.76 -6.71 2.80
CA GLY A 193 -20.55 -5.64 2.17
C GLY A 193 -20.52 -4.25 2.76
N LYS A 194 -19.76 -4.04 3.82
CA LYS A 194 -19.82 -2.79 4.57
C LYS A 194 -19.38 -1.62 3.72
N THR A 195 -18.31 -1.80 2.95
CA THR A 195 -17.87 -0.76 2.03
C THR A 195 -18.94 -0.55 0.98
N LEU A 196 -19.52 -1.63 0.45
CA LEU A 196 -20.52 -1.52 -0.63
C LEU A 196 -21.75 -0.72 -0.21
N ILE A 197 -22.33 -1.07 0.94
CA ILE A 197 -23.53 -0.38 1.42
C ILE A 197 -23.29 1.11 1.68
N ALA A 198 -22.14 1.44 2.25
CA ALA A 198 -21.79 2.83 2.52
C ALA A 198 -21.77 3.69 1.26
N LYS A 199 -21.28 3.13 0.15
CA LYS A 199 -21.27 3.87 -1.13
C LYS A 199 -22.59 3.70 -1.88
N ALA A 200 -23.29 2.58 -1.67
CA ALA A 200 -24.63 2.42 -2.24
C ALA A 200 -25.63 3.44 -1.69
N VAL A 201 -25.53 3.77 -0.40
CA VAL A 201 -26.44 4.75 0.21
C VAL A 201 -26.07 6.17 -0.22
N ALA A 202 -24.78 6.43 -0.40
CA ALA A 202 -24.34 7.71 -0.99
C ALA A 202 -24.82 7.84 -2.43
N ASN A 203 -24.87 6.70 -3.14
CA ASN A 203 -25.31 6.65 -4.53
C ASN A 203 -26.81 6.91 -4.66
N SER A 204 -27.62 6.14 -3.92
CA SER A 204 -29.08 6.28 -4.02
C SER A 204 -29.56 7.64 -3.52
N LEU A 205 -28.83 8.24 -2.60
CA LEU A 205 -29.16 9.57 -2.08
C LEU A 205 -28.73 10.67 -3.05
N ALA A 206 -27.63 10.47 -3.78
CA ALA A 206 -27.26 11.37 -4.88
C ALA A 206 -28.26 11.28 -6.04
N LYS A 207 -28.78 10.07 -6.29
CA LYS A 207 -29.86 9.85 -7.27
C LYS A 207 -31.17 10.54 -6.90
N LYS A 208 -31.44 10.71 -5.60
CA LYS A 208 -32.63 11.46 -5.15
C LYS A 208 -32.40 12.97 -5.18
N MET A 209 -31.67 13.47 -6.18
CA MET A 209 -31.48 14.91 -6.42
C MET A 209 -31.55 15.11 -7.96
N ALA A 210 -32.78 15.11 -8.49
CA ALA A 210 -33.03 15.21 -9.94
C ALA A 210 -34.14 16.22 -10.24
N LYS A 221 -24.26 17.75 -6.59
CA LYS A 221 -24.68 18.60 -5.49
C LYS A 221 -24.51 17.93 -4.11
N SER A 222 -24.95 16.67 -3.95
CA SER A 222 -24.67 15.92 -2.71
C SER A 222 -23.21 15.44 -2.73
N TYR A 223 -22.58 15.37 -1.56
CA TYR A 223 -21.13 15.06 -1.44
C TYR A 223 -20.87 13.81 -0.60
N PHE A 224 -19.87 13.03 -1.03
CA PHE A 224 -19.50 11.79 -0.37
C PHE A 224 -17.99 11.72 -0.27
N LEU A 225 -17.46 11.91 0.95
CA LEU A 225 -16.03 11.73 1.20
C LEU A 225 -15.78 10.30 1.68
N ASN A 226 -14.78 9.66 1.08
CA ASN A 226 -14.44 8.28 1.36
C ASN A 226 -12.99 8.26 1.83
N ILE A 227 -12.83 7.96 3.12
CA ILE A 227 -11.56 7.93 3.82
C ILE A 227 -11.37 6.53 4.39
N LYS A 228 -10.20 5.96 4.19
CA LYS A 228 -9.85 4.66 4.76
C LYS A 228 -8.92 4.89 5.95
N GLY A 229 -9.07 4.07 6.99
CA GLY A 229 -8.26 4.18 8.22
C GLY A 229 -6.79 4.46 7.99
N PRO A 230 -6.09 3.57 7.26
CA PRO A 230 -4.70 3.75 6.85
C PRO A 230 -4.29 5.16 6.38
N GLU A 231 -5.18 5.84 5.65
CA GLU A 231 -4.92 7.20 5.16
C GLU A 231 -4.65 8.21 6.28
N LEU A 232 -5.29 8.00 7.44
CA LEU A 232 -5.15 8.92 8.58
C LEU A 232 -3.82 8.78 9.30
N LEU A 233 -3.31 7.55 9.39
CA LEU A 233 -2.08 7.26 10.12
C LEU A 233 -0.83 7.80 9.41
N ASN A 234 -0.90 7.98 8.09
CA ASN A 234 0.22 8.47 7.29
C ASN A 234 0.17 10.00 7.13
N GLY A 238 0.50 15.63 7.87
CA GLY A 238 0.91 15.80 9.27
C GLY A 238 0.39 14.72 10.22
N GLU A 239 0.29 15.06 11.51
CA GLU A 239 -0.18 14.12 12.55
C GLU A 239 -1.64 13.70 12.36
N THR A 240 -2.03 12.60 13.02
CA THR A 240 -3.33 11.93 12.78
C THR A 240 -4.57 12.79 13.01
N GLU A 241 -4.46 13.77 13.91
CA GLU A 241 -5.59 14.62 14.26
C GLU A 241 -5.68 15.89 13.40
N ARG A 242 -4.58 16.22 12.70
CA ARG A 242 -4.61 17.22 11.64
C ARG A 242 -5.36 16.69 10.41
N HIS A 243 -5.15 15.42 10.08
CA HIS A 243 -5.94 14.72 9.04
C HIS A 243 -7.44 14.88 9.28
N ILE A 244 -7.85 14.62 10.52
CA ILE A 244 -9.26 14.67 10.91
C ILE A 244 -9.78 16.11 10.88
N ARG A 245 -8.96 17.08 11.30
CA ARG A 245 -9.37 18.49 11.19
C ARG A 245 -9.67 18.83 9.72
N LEU A 246 -8.72 18.51 8.83
CA LEU A 246 -8.86 18.78 7.39
C LEU A 246 -10.11 18.18 6.77
N ILE A 247 -10.40 16.92 7.11
CA ILE A 247 -11.55 16.20 6.55
C ILE A 247 -12.85 16.87 6.94
N PHE A 248 -13.04 17.08 8.25
CA PHE A 248 -14.26 17.71 8.78
C PHE A 248 -14.39 19.18 8.41
N GLN A 249 -13.25 19.87 8.20
CA GLN A 249 -13.27 21.26 7.72
C GLN A 249 -13.76 21.34 6.26
N ARG A 250 -13.37 20.38 5.44
CA ARG A 250 -13.94 20.23 4.09
C ARG A 250 -15.43 19.86 4.15
N ALA A 251 -15.80 18.96 5.05
CA ALA A 251 -17.21 18.58 5.23
C ALA A 251 -18.08 19.81 5.61
N ARG A 252 -17.51 20.73 6.38
CA ARG A 252 -18.15 22.02 6.65
C ARG A 252 -18.25 22.90 5.40
N GLU A 253 -17.18 22.97 4.62
CA GLU A 253 -17.17 23.69 3.32
C GLU A 253 -18.29 23.21 2.39
N LYS A 254 -18.54 21.91 2.33
CA LYS A 254 -19.60 21.35 1.49
C LYS A 254 -20.97 21.42 2.14
N ALA A 255 -21.02 21.43 3.48
CA ALA A 255 -22.28 21.59 4.20
C ALA A 255 -22.89 22.99 4.03
N SER A 256 -22.04 24.00 3.83
CA SER A 256 -22.50 25.38 3.58
C SER A 256 -23.42 25.53 2.36
N GLU A 257 -23.27 24.64 1.37
CA GLU A 257 -24.15 24.60 0.20
C GLU A 257 -25.60 24.17 0.50
N GLY A 258 -25.85 23.57 1.66
CA GLY A 258 -27.18 23.11 2.07
C GLY A 258 -27.49 21.67 1.70
N THR A 259 -26.59 21.04 0.94
CA THR A 259 -26.79 19.68 0.44
C THR A 259 -26.27 18.64 1.43
N PRO A 260 -26.65 17.36 1.26
CA PRO A 260 -26.15 16.30 2.13
C PRO A 260 -24.66 16.00 1.93
N VAL A 261 -23.99 15.66 3.03
CA VAL A 261 -22.57 15.35 3.05
C VAL A 261 -22.34 14.11 3.91
N ILE A 262 -22.06 12.98 3.26
CA ILE A 262 -21.69 11.75 3.96
C ILE A 262 -20.18 11.71 4.11
N VAL A 263 -19.73 11.54 5.35
CA VAL A 263 -18.31 11.33 5.63
C VAL A 263 -18.18 9.89 6.10
N PHE A 264 -17.49 9.09 5.28
CA PHE A 264 -17.33 7.65 5.50
C PHE A 264 -15.92 7.33 5.98
N PHE A 265 -15.83 6.72 7.14
CA PHE A 265 -14.56 6.25 7.69
C PHE A 265 -14.53 4.72 7.57
N ASP A 266 -13.91 4.23 6.49
CA ASP A 266 -13.81 2.79 6.20
C ASP A 266 -12.54 2.26 6.84
N GLU A 267 -12.49 0.96 7.10
CA GLU A 267 -11.30 0.29 7.67
C GLU A 267 -10.81 0.95 8.96
N MET A 268 -11.73 1.22 9.89
CA MET A 268 -11.36 1.87 11.15
C MET A 268 -10.84 0.92 12.22
N ASP A 269 -10.89 -0.38 11.96
CA ASP A 269 -10.22 -1.42 12.79
C ASP A 269 -8.89 -0.95 13.38
N SER A 270 -8.06 -0.32 12.54
CA SER A 270 -6.74 0.20 12.93
C SER A 270 -6.85 1.22 14.05
N ILE A 271 -7.59 2.31 13.79
CA ILE A 271 -7.88 3.34 14.79
C ILE A 271 -8.66 2.64 15.93
N PHE A 272 -8.32 2.94 17.19
CA PHE A 272 -8.70 2.13 18.38
C PHE A 272 -8.49 0.62 18.17
N VAL A 287 -6.11 9.28 16.31
CA VAL A 287 -6.57 8.71 17.57
C VAL A 287 -7.98 9.27 17.88
N VAL A 288 -8.73 8.57 18.72
CA VAL A 288 -10.19 8.76 18.84
C VAL A 288 -10.66 10.13 19.36
N PRO A 289 -9.90 10.79 20.28
CA PRO A 289 -10.42 12.01 20.88
C PRO A 289 -10.81 13.11 19.89
N GLN A 290 -9.97 13.39 18.89
CA GLN A 290 -10.34 14.41 17.89
C GLN A 290 -11.48 13.97 17.00
N LEU A 291 -11.62 12.67 16.78
CA LEU A 291 -12.78 12.15 16.05
C LEU A 291 -14.04 12.43 16.85
N LEU A 292 -14.07 12.00 18.11
CA LEU A 292 -15.21 12.25 19.02
C LEU A 292 -15.56 13.73 19.14
N SER A 293 -14.52 14.55 19.27
CA SER A 293 -14.69 15.99 19.38
C SER A 293 -15.24 16.60 18.09
N GLU A 294 -14.72 16.18 16.93
CA GLU A 294 -15.19 16.69 15.62
C GLU A 294 -16.57 16.20 15.18
N ILE A 295 -16.96 15.00 15.61
CA ILE A 295 -18.33 14.50 15.43
C ILE A 295 -19.28 15.31 16.31
N ASP A 296 -18.90 15.51 17.57
CA ASP A 296 -19.70 16.33 18.50
C ASP A 296 -19.84 17.77 18.01
N GLY A 297 -18.78 18.33 17.43
CA GLY A 297 -18.81 19.69 16.88
C GLY A 297 -19.66 19.87 15.63
N VAL A 298 -19.71 18.84 14.79
CA VAL A 298 -20.49 18.87 13.54
C VAL A 298 -21.99 18.56 13.74
N GLU A 299 -22.38 18.17 14.96
CA GLU A 299 -23.80 17.87 15.26
C GLU A 299 -24.77 19.05 15.03
N GLY A 300 -24.27 20.28 15.09
CA GLY A 300 -25.05 21.46 14.71
C GLY A 300 -25.52 21.43 13.27
N LEU A 301 -24.60 21.11 12.36
CA LEU A 301 -24.90 20.99 10.93
C LEU A 301 -25.64 19.68 10.71
N GLU A 302 -26.93 19.78 10.37
CA GLU A 302 -27.84 18.62 10.29
C GLU A 302 -27.85 17.99 8.88
N ASN A 303 -27.10 18.58 7.96
CA ASN A 303 -26.89 18.03 6.62
C ASN A 303 -25.54 17.29 6.48
N VAL A 304 -24.93 16.86 7.59
CA VAL A 304 -23.66 16.10 7.57
C VAL A 304 -23.86 14.79 8.35
N ILE A 305 -23.66 13.66 7.66
CA ILE A 305 -23.80 12.33 8.24
C ILE A 305 -22.44 11.63 8.26
N VAL A 306 -22.17 10.87 9.33
CA VAL A 306 -20.89 10.18 9.49
C VAL A 306 -21.11 8.67 9.57
N ILE A 307 -20.55 7.92 8.62
CA ILE A 307 -20.62 6.45 8.64
C ILE A 307 -19.24 5.92 8.97
N GLY A 308 -19.16 4.93 9.85
CA GLY A 308 -17.91 4.28 10.22
C GLY A 308 -18.03 2.79 9.98
N ALA A 309 -17.02 2.19 9.37
CA ALA A 309 -16.99 0.73 9.16
C ALA A 309 -15.92 0.06 10.02
N SER A 310 -16.26 -1.08 10.62
CA SER A 310 -15.31 -1.85 11.41
C SER A 310 -15.57 -3.34 11.36
N ASN A 311 -14.50 -4.12 11.18
CA ASN A 311 -14.55 -5.58 11.20
C ASN A 311 -14.48 -6.13 12.62
N ARG A 312 -14.03 -5.31 13.57
CA ARG A 312 -13.75 -5.73 14.94
C ARG A 312 -14.65 -4.99 15.95
N GLU A 313 -15.95 -5.32 15.91
CA GLU A 313 -16.95 -4.86 16.89
C GLU A 313 -16.43 -4.77 18.34
N ASP A 314 -15.74 -5.83 18.76
CA ASP A 314 -15.21 -5.97 20.12
C ASP A 314 -14.17 -4.91 20.54
N MET A 315 -13.38 -4.41 19.60
CA MET A 315 -12.30 -3.47 19.89
C MET A 315 -12.70 -1.99 19.80
N ILE A 316 -14.01 -1.71 19.64
CA ILE A 316 -14.47 -0.34 19.39
C ILE A 316 -14.60 0.42 20.72
N ASP A 317 -14.02 1.63 20.77
CA ASP A 317 -14.15 2.50 21.93
C ASP A 317 -15.62 2.85 22.12
N PRO A 318 -16.22 2.46 23.26
CA PRO A 318 -17.66 2.74 23.48
C PRO A 318 -18.08 4.23 23.33
N ALA A 319 -17.13 5.15 23.52
CA ALA A 319 -17.37 6.58 23.32
C ALA A 319 -17.91 6.93 21.95
N ILE A 320 -17.38 6.29 20.90
CA ILE A 320 -17.83 6.55 19.53
C ILE A 320 -19.30 6.15 19.31
N LEU A 321 -19.77 5.15 20.06
CA LEU A 321 -21.13 4.63 19.93
C LEU A 321 -22.17 5.24 20.87
N ARG A 322 -21.78 6.20 21.71
CA ARG A 322 -22.73 6.82 22.66
C ARG A 322 -23.68 7.76 21.90
N PRO A 323 -24.88 8.03 22.45
CA PRO A 323 -25.87 8.94 21.85
C PRO A 323 -25.27 10.25 21.33
N GLY A 324 -25.62 10.61 20.09
CA GLY A 324 -25.10 11.80 19.44
C GLY A 324 -24.08 11.55 18.36
N ARG A 325 -23.43 10.37 18.39
CA ARG A 325 -22.33 10.05 17.48
C ARG A 325 -22.77 8.90 16.55
N LEU A 326 -22.21 7.69 16.68
CA LEU A 326 -22.64 6.55 15.86
C LEU A 326 -23.83 5.85 16.52
N ASP A 327 -24.99 6.50 16.42
CA ASP A 327 -26.25 6.04 17.04
C ASP A 327 -26.76 4.75 16.44
N VAL A 328 -26.70 4.68 15.10
CA VAL A 328 -27.30 3.58 14.33
C VAL A 328 -26.23 2.53 14.05
N LYS A 329 -26.43 1.33 14.59
CA LYS A 329 -25.49 0.23 14.44
C LYS A 329 -26.12 -0.79 13.53
N ILE A 330 -25.52 -0.99 12.36
CA ILE A 330 -26.04 -1.88 11.34
C ILE A 330 -25.04 -3.01 11.19
N LYS A 331 -25.50 -4.24 11.41
CA LYS A 331 -24.64 -5.40 11.31
C LYS A 331 -24.75 -6.09 9.95
N ILE A 332 -23.62 -6.17 9.26
CA ILE A 332 -23.52 -6.89 8.00
C ILE A 332 -22.99 -8.26 8.38
N GLU A 333 -23.83 -9.29 8.28
CA GLU A 333 -23.44 -10.66 8.66
C GLU A 333 -22.94 -11.47 7.46
N ARG A 334 -22.43 -12.66 7.74
CA ARG A 334 -22.04 -13.60 6.70
C ARG A 334 -23.29 -14.16 6.04
N PRO A 335 -23.24 -14.40 4.72
CA PRO A 335 -24.41 -14.83 4.00
C PRO A 335 -24.79 -16.29 4.24
N ASP A 336 -26.09 -16.52 4.36
CA ASP A 336 -26.67 -17.87 4.33
C ASP A 336 -26.78 -18.35 2.87
N ALA A 337 -27.35 -19.54 2.68
CA ALA A 337 -27.52 -20.13 1.34
C ALA A 337 -28.22 -19.19 0.36
N GLU A 338 -29.37 -18.64 0.78
CA GLU A 338 -30.15 -17.77 -0.10
C GLU A 338 -29.48 -16.43 -0.43
N ALA A 339 -28.76 -15.86 0.54
CA ALA A 339 -27.94 -14.66 0.28
C ALA A 339 -26.86 -14.94 -0.77
N ALA A 340 -26.23 -16.11 -0.67
CA ALA A 340 -25.19 -16.51 -1.61
C ALA A 340 -25.71 -16.69 -3.04
N GLN A 341 -26.93 -17.20 -3.20
CA GLN A 341 -27.64 -17.20 -4.49
C GLN A 341 -27.66 -15.76 -5.08
N ASP A 342 -28.05 -14.79 -4.26
CA ASP A 342 -28.16 -13.40 -4.70
C ASP A 342 -26.77 -12.79 -5.02
N ILE A 343 -25.74 -13.14 -4.23
CA ILE A 343 -24.37 -12.62 -4.44
C ILE A 343 -23.71 -13.24 -5.68
N TYR A 344 -23.88 -14.55 -5.87
CA TYR A 344 -23.40 -15.20 -7.10
C TYR A 344 -23.97 -14.54 -8.35
N SER A 345 -25.28 -14.24 -8.32
CA SER A 345 -25.98 -13.63 -9.47
C SER A 345 -25.41 -12.28 -9.92
N LYS A 346 -24.66 -11.61 -9.05
CA LYS A 346 -24.00 -10.35 -9.41
C LYS A 346 -22.73 -10.58 -10.22
N TYR A 347 -22.17 -11.80 -10.15
CA TYR A 347 -20.89 -12.15 -10.77
C TYR A 347 -20.93 -13.28 -11.80
N LEU A 348 -21.92 -14.17 -11.69
CA LEU A 348 -22.29 -15.08 -12.78
C LEU A 348 -23.47 -14.49 -13.57
N THR A 349 -23.14 -13.62 -14.51
CA THR A 349 -24.11 -13.05 -15.47
C THR A 349 -24.12 -13.84 -16.76
N GLU A 350 -25.22 -13.75 -17.52
CA GLU A 350 -25.33 -14.40 -18.84
C GLU A 350 -24.56 -13.71 -19.99
N PHE A 351 -23.77 -12.69 -19.67
CA PHE A 351 -22.82 -12.10 -20.62
C PHE A 351 -21.42 -12.73 -20.49
N LEU A 352 -21.29 -13.74 -19.61
CA LEU A 352 -20.06 -14.52 -19.51
C LEU A 352 -20.12 -15.67 -20.51
N PRO A 353 -19.03 -15.89 -21.27
CA PRO A 353 -18.98 -17.10 -22.08
C PRO A 353 -19.18 -18.34 -21.24
N VAL A 354 -20.12 -19.19 -21.64
CA VAL A 354 -20.42 -20.45 -20.95
C VAL A 354 -20.17 -21.59 -21.94
N HIS A 355 -19.56 -22.66 -21.46
CA HIS A 355 -19.12 -23.79 -22.28
C HIS A 355 -20.31 -24.43 -22.97
N ALA A 356 -20.05 -25.00 -24.15
CA ALA A 356 -21.13 -25.55 -25.01
C ALA A 356 -21.78 -26.79 -24.41
N ASP A 357 -20.98 -27.60 -23.73
CA ASP A 357 -21.47 -28.79 -23.02
C ASP A 357 -22.50 -28.38 -21.95
N ASP A 358 -22.20 -27.29 -21.21
CA ASP A 358 -23.12 -26.74 -20.20
C ASP A 358 -24.40 -26.15 -20.79
N LEU A 359 -24.27 -25.49 -21.94
CA LEU A 359 -25.44 -24.94 -22.65
C LEU A 359 -26.34 -26.00 -23.31
N ALA A 360 -25.81 -27.21 -23.53
CA ALA A 360 -26.58 -28.33 -24.11
C ALA A 360 -27.79 -28.68 -23.26
N GLU A 361 -27.55 -28.95 -21.97
CA GLU A 361 -28.62 -29.41 -21.06
C GLU A 361 -29.75 -28.42 -20.80
N PHE A 362 -29.62 -27.17 -21.27
CA PHE A 362 -30.74 -26.21 -21.25
C PHE A 362 -31.10 -25.71 -22.67
N ASP A 363 -30.74 -26.50 -23.69
CA ASP A 363 -31.02 -26.23 -25.11
C ASP A 363 -30.76 -24.78 -25.55
N GLY A 364 -29.62 -24.23 -25.13
CA GLY A 364 -29.22 -22.86 -25.45
C GLY A 364 -29.81 -21.74 -24.60
N ASP A 365 -30.57 -22.10 -23.55
CA ASP A 365 -31.19 -21.12 -22.67
C ASP A 365 -30.20 -20.72 -21.57
N ARG A 366 -29.68 -19.50 -21.67
CA ARG A 366 -28.61 -19.03 -20.80
C ARG A 366 -29.12 -18.65 -19.41
N SER A 367 -30.26 -17.99 -19.35
CA SER A 367 -30.90 -17.63 -18.08
C SER A 367 -31.15 -18.85 -17.22
N ALA A 368 -31.74 -19.88 -17.81
CA ALA A 368 -32.00 -21.15 -17.12
C ALA A 368 -30.70 -21.89 -16.84
N CYS A 369 -29.76 -21.87 -17.80
CA CYS A 369 -28.45 -22.52 -17.63
C CYS A 369 -27.65 -21.95 -16.45
N ILE A 370 -27.62 -20.62 -16.35
CA ILE A 370 -26.88 -19.93 -15.27
C ILE A 370 -27.60 -19.96 -13.93
N LYS A 371 -28.91 -19.72 -13.94
CA LYS A 371 -29.71 -19.82 -12.71
C LYS A 371 -29.54 -21.19 -12.07
N ALA A 372 -29.55 -22.24 -12.88
CA ALA A 372 -29.34 -23.61 -12.38
C ALA A 372 -27.87 -23.91 -12.01
N MET A 373 -26.94 -23.18 -12.65
CA MET A 373 -25.52 -23.25 -12.30
C MET A 373 -25.27 -22.63 -10.93
N ILE A 374 -25.88 -21.47 -10.68
CA ILE A 374 -25.80 -20.77 -9.40
C ILE A 374 -26.42 -21.61 -8.28
N GLU A 375 -27.55 -22.25 -8.53
CA GLU A 375 -28.17 -23.15 -7.55
C GLU A 375 -27.31 -24.36 -7.22
N LYS A 376 -26.60 -24.89 -8.23
CA LYS A 376 -25.73 -26.04 -8.04
C LYS A 376 -24.45 -25.68 -7.25
N VAL A 377 -23.82 -24.55 -7.59
CA VAL A 377 -22.62 -24.08 -6.88
C VAL A 377 -22.91 -23.66 -5.44
N VAL A 378 -24.08 -23.08 -5.21
CA VAL A 378 -24.50 -22.66 -3.85
C VAL A 378 -24.81 -23.89 -3.00
N ASP A 379 -25.69 -24.76 -3.49
CA ASP A 379 -26.00 -26.03 -2.83
C ASP A 379 -24.71 -26.77 -2.48
N ARG A 380 -23.73 -26.76 -3.38
CA ARG A 380 -22.42 -27.37 -3.12
C ARG A 380 -21.67 -26.68 -1.98
N MET A 381 -21.51 -25.36 -2.03
CA MET A 381 -20.66 -24.67 -1.04
C MET A 381 -21.30 -24.61 0.37
N TYR A 382 -22.63 -24.65 0.43
CA TYR A 382 -23.36 -24.73 1.71
C TYR A 382 -23.67 -26.14 2.25
N ALA A 383 -23.15 -27.17 1.58
CA ALA A 383 -23.36 -28.56 1.99
C ALA A 383 -22.43 -28.96 3.13
N GLU A 384 -22.84 -29.97 3.88
CA GLU A 384 -22.03 -30.53 4.96
C GLU A 384 -21.33 -31.82 4.49
N ILE A 385 -20.59 -31.71 3.39
CA ILE A 385 -19.83 -32.83 2.81
C ILE A 385 -18.45 -32.86 3.47
N ASP A 386 -17.77 -33.98 3.38
CA ASP A 386 -16.38 -34.08 3.79
C ASP A 386 -15.44 -33.12 3.03
N ASP A 387 -15.71 -32.86 1.75
CA ASP A 387 -14.94 -31.86 1.01
C ASP A 387 -15.05 -30.43 1.55
N ASN A 388 -16.16 -30.12 2.22
CA ASN A 388 -16.42 -28.79 2.78
C ASN A 388 -16.05 -28.61 4.26
N ARG A 389 -15.38 -29.59 4.87
CA ARG A 389 -14.99 -29.46 6.29
C ARG A 389 -13.94 -28.38 6.40
N PHE A 390 -14.12 -27.47 7.35
CA PHE A 390 -13.29 -26.29 7.47
C PHE A 390 -12.47 -26.26 8.77
N LEU A 391 -13.16 -26.30 9.93
CA LEU A 391 -12.49 -26.30 11.24
C LEU A 391 -13.11 -27.29 12.18
N GLU A 392 -12.38 -27.57 13.26
CA GLU A 392 -12.89 -28.33 14.40
C GLU A 392 -12.77 -27.46 15.64
N VAL A 393 -13.89 -27.27 16.34
CA VAL A 393 -13.94 -26.48 17.56
C VAL A 393 -14.12 -27.43 18.73
N THR A 394 -13.11 -27.50 19.60
CA THR A 394 -13.15 -28.27 20.85
C THR A 394 -13.58 -27.33 21.97
N TYR A 395 -14.50 -27.78 22.82
CA TYR A 395 -15.06 -26.97 23.91
C TYR A 395 -14.43 -27.29 25.28
N ALA A 396 -14.75 -26.46 26.27
CA ALA A 396 -14.26 -26.61 27.65
C ALA A 396 -14.80 -27.83 28.40
N ASN A 397 -15.88 -28.45 27.89
CA ASN A 397 -16.43 -29.69 28.46
C ASN A 397 -16.00 -30.96 27.71
N GLY A 398 -15.16 -30.81 26.68
CA GLY A 398 -14.63 -31.94 25.91
C GLY A 398 -15.31 -32.19 24.56
N ASP A 399 -16.50 -31.63 24.37
CA ASP A 399 -17.25 -31.80 23.11
C ASP A 399 -16.54 -31.12 21.93
N LYS A 400 -16.77 -31.67 20.75
CA LYS A 400 -16.21 -31.15 19.51
C LYS A 400 -17.29 -30.99 18.46
N GLU A 401 -17.15 -29.94 17.66
CA GLU A 401 -18.07 -29.67 16.56
C GLU A 401 -17.24 -29.36 15.33
N VAL A 402 -17.66 -29.91 14.18
CA VAL A 402 -17.04 -29.63 12.90
C VAL A 402 -17.75 -28.45 12.27
N MET A 403 -17.01 -27.40 11.94
CA MET A 403 -17.55 -26.27 11.19
C MET A 403 -17.26 -26.48 9.70
N TYR A 404 -18.23 -26.18 8.84
CA TYR A 404 -18.07 -26.33 7.39
C TYR A 404 -17.93 -24.95 6.73
N PHE A 405 -17.59 -24.92 5.44
CA PHE A 405 -17.38 -23.66 4.67
C PHE A 405 -18.53 -22.65 4.81
N LYS A 406 -19.76 -23.15 4.85
CA LYS A 406 -20.95 -22.29 5.00
C LYS A 406 -20.86 -21.32 6.17
N ASP A 407 -20.23 -21.76 7.26
CA ASP A 407 -20.14 -20.97 8.48
C ASP A 407 -19.11 -19.81 8.42
N PHE A 408 -18.27 -19.77 7.39
CA PHE A 408 -17.24 -18.75 7.28
C PHE A 408 -17.17 -18.09 5.90
N ASN A 409 -18.29 -18.09 5.18
CA ASN A 409 -18.34 -17.53 3.83
C ASN A 409 -18.45 -16.01 3.91
N SER A 410 -18.27 -15.34 2.77
CA SER A 410 -18.52 -13.92 2.65
C SER A 410 -18.77 -13.56 1.20
N GLY A 411 -19.21 -12.33 0.99
CA GLY A 411 -19.40 -11.80 -0.35
C GLY A 411 -18.10 -11.76 -1.12
N ALA A 412 -17.00 -11.41 -0.44
CA ALA A 412 -15.66 -11.39 -1.07
C ALA A 412 -15.18 -12.77 -1.49
N MET A 413 -15.57 -13.80 -0.75
CA MET A 413 -15.19 -15.17 -1.05
C MET A 413 -15.96 -15.70 -2.24
N ILE A 414 -17.24 -15.34 -2.32
CA ILE A 414 -18.09 -15.74 -3.45
C ILE A 414 -17.55 -15.13 -4.74
N GLN A 415 -17.20 -13.86 -4.69
CA GLN A 415 -16.63 -13.18 -5.84
C GLN A 415 -15.28 -13.75 -6.24
N ASN A 416 -14.46 -14.11 -5.27
CA ASN A 416 -13.15 -14.69 -5.56
C ASN A 416 -13.26 -16.13 -6.10
N VAL A 417 -14.28 -16.88 -5.66
CA VAL A 417 -14.63 -18.18 -6.30
C VAL A 417 -15.02 -18.00 -7.78
N VAL A 418 -15.81 -16.97 -8.08
CA VAL A 418 -16.20 -16.67 -9.46
C VAL A 418 -14.96 -16.30 -10.28
N ASP A 419 -14.11 -15.43 -9.73
CA ASP A 419 -12.87 -15.02 -10.42
C ASP A 419 -11.87 -16.15 -10.65
N ARG A 420 -11.86 -17.16 -9.79
CA ARG A 420 -10.99 -18.31 -10.00
C ARG A 420 -11.56 -19.19 -11.10
N ALA A 421 -12.88 -19.38 -11.13
CA ALA A 421 -13.53 -20.14 -12.22
C ALA A 421 -13.29 -19.45 -13.58
N LYS A 422 -13.59 -18.16 -13.67
CA LYS A 422 -13.24 -17.38 -14.87
C LYS A 422 -11.78 -17.56 -15.34
N LYS A 423 -10.85 -17.61 -14.40
CA LYS A 423 -9.44 -17.89 -14.71
C LYS A 423 -9.25 -19.33 -15.21
N ASN A 424 -9.93 -20.29 -14.57
CA ASN A 424 -9.86 -21.69 -15.03
C ASN A 424 -10.56 -21.94 -16.37
N ALA A 425 -11.52 -21.08 -16.73
CA ALA A 425 -12.11 -21.11 -18.06
C ALA A 425 -11.09 -20.62 -19.06
N ILE A 426 -10.49 -19.46 -18.77
CA ILE A 426 -9.44 -18.86 -19.60
C ILE A 426 -8.29 -19.84 -19.87
N LYS A 427 -7.89 -20.60 -18.86
CA LYS A 427 -6.85 -21.62 -19.04
C LYS A 427 -7.33 -22.80 -19.89
N SER A 428 -8.58 -23.24 -19.70
CA SER A 428 -9.11 -24.37 -20.48
C SER A 428 -9.25 -24.00 -21.97
N VAL A 429 -9.55 -22.75 -22.31
CA VAL A 429 -9.65 -22.37 -23.73
C VAL A 429 -8.26 -22.42 -24.35
N LEU A 430 -7.24 -21.96 -23.62
CA LEU A 430 -5.86 -22.01 -24.09
C LEU A 430 -5.34 -23.45 -24.22
N GLU A 431 -5.78 -24.34 -23.34
CA GLU A 431 -5.25 -25.71 -23.25
C GLU A 431 -6.04 -26.74 -24.04
N THR A 432 -7.36 -26.56 -24.10
CA THR A 432 -8.25 -27.50 -24.79
C THR A 432 -8.91 -26.94 -26.05
N GLY A 433 -8.80 -25.62 -26.27
CA GLY A 433 -9.38 -24.97 -27.45
C GLY A 433 -10.86 -24.60 -27.38
N GLN A 434 -11.57 -25.12 -26.38
CA GLN A 434 -13.04 -25.08 -26.36
C GLN A 434 -13.47 -23.96 -25.42
N PRO A 435 -14.10 -22.90 -25.97
CA PRO A 435 -14.37 -21.72 -25.15
C PRO A 435 -15.43 -21.95 -24.08
N GLY A 436 -15.57 -20.98 -23.19
CA GLY A 436 -16.65 -20.97 -22.25
C GLY A 436 -16.37 -21.68 -20.94
N LEU A 437 -17.09 -21.23 -19.92
CA LEU A 437 -16.95 -21.63 -18.54
C LEU A 437 -17.85 -22.82 -18.20
N ARG A 438 -17.26 -23.89 -17.67
CA ARG A 438 -17.99 -25.06 -17.19
C ARG A 438 -18.40 -24.93 -15.73
N ILE A 439 -19.51 -25.57 -15.37
CA ILE A 439 -19.91 -25.70 -13.97
C ILE A 439 -18.74 -26.18 -13.11
N GLN A 440 -17.97 -27.15 -13.62
CA GLN A 440 -16.85 -27.72 -12.87
C GLN A 440 -15.78 -26.69 -12.50
N HIS A 441 -15.59 -25.67 -13.34
CA HIS A 441 -14.67 -24.57 -13.01
C HIS A 441 -15.09 -23.84 -11.73
N LEU A 442 -16.39 -23.65 -11.53
CA LEU A 442 -16.91 -23.11 -10.28
C LEU A 442 -16.69 -24.09 -9.13
N LEU A 443 -17.03 -25.36 -9.33
CA LEU A 443 -17.01 -26.37 -8.25
C LEU A 443 -15.60 -26.68 -7.75
N ASP A 444 -14.64 -26.78 -8.67
CA ASP A 444 -13.22 -26.89 -8.32
C ASP A 444 -12.72 -25.63 -7.62
N SER A 445 -13.18 -24.48 -8.11
CA SER A 445 -12.80 -23.21 -7.53
C SER A 445 -13.22 -23.02 -6.05
N ILE A 446 -14.27 -23.69 -5.60
CA ILE A 446 -14.75 -23.56 -4.21
C ILE A 446 -13.69 -24.09 -3.26
N VAL A 447 -13.37 -25.37 -3.39
CA VAL A 447 -12.36 -26.00 -2.52
C VAL A 447 -10.98 -25.36 -2.67
N ASP A 448 -10.63 -24.91 -3.87
CA ASP A 448 -9.38 -24.19 -4.13
C ASP A 448 -9.32 -22.89 -3.33
N GLU A 449 -10.38 -22.08 -3.41
CA GLU A 449 -10.45 -20.79 -2.72
C GLU A 449 -10.42 -20.96 -1.22
N PHE A 450 -11.09 -21.99 -0.71
CA PHE A 450 -11.08 -22.26 0.72
C PHE A 450 -9.75 -22.82 1.18
N ALA A 451 -9.16 -23.73 0.41
CA ALA A 451 -7.80 -24.20 0.67
C ALA A 451 -6.78 -23.05 0.70
N GLU A 452 -6.90 -22.10 -0.24
CA GLU A 452 -6.03 -20.91 -0.29
C GLU A 452 -6.09 -20.09 0.99
N ASN A 453 -7.26 -20.01 1.61
CA ASN A 453 -7.51 -19.22 2.81
C ASN A 453 -7.76 -20.04 4.09
N GLU A 454 -7.76 -21.37 4.00
CA GLU A 454 -7.89 -22.24 5.18
C GLU A 454 -6.85 -21.87 6.21
N ASP A 455 -5.61 -21.72 5.74
CA ASP A 455 -4.45 -21.47 6.58
C ASP A 455 -4.48 -20.11 7.33
N LEU A 456 -4.69 -19.03 6.59
CA LEU A 456 -4.30 -17.67 7.03
C LEU A 456 -5.30 -16.96 7.97
N PRO A 457 -4.94 -15.75 8.40
CA PRO A 457 -5.86 -14.80 9.04
C PRO A 457 -6.84 -14.17 8.11
N ASN A 458 -7.91 -13.63 8.67
CA ASN A 458 -8.87 -12.70 8.04
C ASN A 458 -9.83 -13.48 7.18
N THR A 459 -9.66 -14.79 7.17
CA THR A 459 -10.74 -15.73 6.89
C THR A 459 -11.71 -15.95 8.08
N THR A 460 -11.17 -15.91 9.30
CA THR A 460 -11.97 -16.03 10.54
C THR A 460 -11.99 -14.70 11.30
N ASN A 461 -12.79 -14.64 12.37
CA ASN A 461 -13.04 -13.38 13.08
C ASN A 461 -13.68 -13.66 14.46
N PRO A 462 -13.32 -12.87 15.50
CA PRO A 462 -13.91 -13.02 16.85
C PRO A 462 -15.43 -13.12 16.95
N ASP A 463 -16.15 -12.49 16.02
CA ASP A 463 -17.61 -12.63 15.94
C ASP A 463 -18.07 -14.07 15.72
N ASP A 464 -17.26 -14.85 15.00
CA ASP A 464 -17.58 -16.26 14.72
C ASP A 464 -17.47 -17.12 15.98
N TRP A 465 -16.41 -16.90 16.76
CA TRP A 465 -16.17 -17.67 17.98
C TRP A 465 -17.19 -17.28 19.03
N ALA A 466 -17.50 -15.99 19.08
CA ALA A 466 -18.63 -15.53 19.87
C ALA A 466 -19.88 -16.33 19.48
N ARG A 467 -20.22 -16.36 18.20
CA ARG A 467 -21.42 -17.06 17.69
C ARG A 467 -21.42 -18.57 17.99
N ILE A 468 -20.27 -19.20 17.75
CA ILE A 468 -20.15 -20.65 17.91
C ILE A 468 -20.11 -21.01 19.41
N SER A 469 -19.31 -20.29 20.19
CA SER A 469 -19.32 -20.42 21.65
C SER A 469 -20.68 -20.09 22.25
N GLY A 470 -21.32 -19.05 21.72
CA GLY A 470 -22.66 -18.65 22.11
C GLY A 470 -23.65 -19.77 21.90
N LYS A 471 -23.87 -20.16 20.64
CA LYS A 471 -24.88 -21.18 20.32
C LYS A 471 -24.70 -22.49 21.12
N LYS A 472 -23.46 -22.88 21.39
CA LYS A 472 -23.15 -24.06 22.21
C LYS A 472 -23.33 -23.79 23.70
N GLY A 473 -22.97 -22.59 24.16
CA GLY A 473 -22.99 -22.25 25.58
C GLY A 473 -21.82 -22.86 26.32
N GLU A 474 -20.66 -22.90 25.66
CA GLU A 474 -19.41 -23.42 26.22
C GLU A 474 -18.25 -22.58 25.70
N ARG A 475 -17.21 -22.43 26.51
CA ARG A 475 -16.00 -21.72 26.09
C ARG A 475 -15.23 -22.59 25.11
N ILE A 476 -14.64 -21.95 24.10
CA ILE A 476 -13.83 -22.66 23.13
C ILE A 476 -12.39 -22.70 23.65
N VAL A 477 -11.86 -23.91 23.80
CA VAL A 477 -10.50 -24.13 24.33
C VAL A 477 -9.44 -24.49 23.28
N TYR A 478 -9.84 -25.15 22.19
CA TYR A 478 -8.92 -25.55 21.11
C TYR A 478 -9.62 -25.50 19.73
N ILE A 479 -8.88 -25.06 18.72
CA ILE A 479 -9.39 -24.94 17.34
C ILE A 479 -8.36 -25.54 16.39
N ARG A 480 -8.83 -26.14 15.29
CA ARG A 480 -7.95 -26.52 14.18
C ARG A 480 -8.68 -26.58 12.84
N THR A 481 -7.94 -26.35 11.75
CA THR A 481 -8.48 -26.50 10.39
C THR A 481 -8.40 -27.97 9.95
N LEU A 482 -9.14 -28.31 8.90
CA LEU A 482 -9.33 -29.71 8.47
C LEU A 482 -9.20 -29.86 6.96
N ALA A 490 -5.10 -29.62 4.06
CA ALA A 490 -4.20 -29.90 5.17
C ALA A 490 -4.93 -29.79 6.53
N SER A 491 -4.18 -30.00 7.62
CA SER A 491 -4.71 -29.89 8.99
C SER A 491 -3.72 -29.13 9.89
N ARG A 492 -4.24 -28.15 10.64
CA ARG A 492 -3.41 -27.15 11.33
C ARG A 492 -4.20 -26.41 12.43
N ALA A 493 -3.56 -26.12 13.56
CA ALA A 493 -4.22 -25.50 14.73
C ALA A 493 -4.21 -23.97 14.70
N ILE A 494 -5.09 -23.35 15.47
CA ILE A 494 -5.20 -21.88 15.60
C ILE A 494 -5.20 -21.50 17.10
N ASP A 495 -4.67 -20.32 17.41
CA ASP A 495 -4.37 -19.88 18.80
C ASP A 495 -5.54 -19.82 19.81
N THR A 496 -6.75 -19.47 19.35
CA THR A 496 -7.93 -19.24 20.22
C THR A 496 -7.73 -18.06 21.15
N PRO B 6 39.25 44.87 -12.10
CA PRO B 6 37.80 45.04 -12.08
C PRO B 6 37.09 44.15 -11.03
N PRO B 7 37.06 44.59 -9.75
CA PRO B 7 36.51 43.75 -8.66
C PRO B 7 34.98 43.68 -8.69
N SER B 8 34.45 42.46 -8.78
CA SER B 8 33.02 42.24 -9.09
C SER B 8 32.31 41.21 -8.19
N GLY B 9 31.00 41.43 -7.95
CA GLY B 9 30.14 40.52 -7.16
C GLY B 9 29.14 39.75 -8.01
N TYR B 10 28.35 38.88 -7.38
CA TYR B 10 27.42 37.98 -8.07
C TYR B 10 25.98 38.08 -7.54
N GLY B 11 25.07 37.41 -8.25
CA GLY B 11 23.67 37.28 -7.86
C GLY B 11 22.96 36.20 -8.63
N VAL B 12 21.74 35.88 -8.23
CA VAL B 12 20.94 34.84 -8.88
C VAL B 12 19.86 35.51 -9.73
N LEU B 13 19.75 35.10 -10.98
CA LEU B 13 18.75 35.65 -11.90
C LEU B 13 17.37 35.08 -11.61
N LEU B 14 16.39 35.97 -11.43
CA LEU B 14 15.03 35.57 -11.07
C LEU B 14 14.06 35.63 -12.24
N ALA B 15 14.05 36.75 -12.98
CA ALA B 15 13.11 36.94 -14.10
C ALA B 15 13.66 37.85 -15.20
N THR B 16 13.23 37.58 -16.43
CA THR B 16 13.58 38.39 -17.61
C THR B 16 12.31 38.98 -18.20
N HIS B 17 12.38 40.26 -18.58
CA HIS B 17 11.24 41.01 -19.10
C HIS B 17 11.47 41.38 -20.57
N ASP B 18 10.45 41.95 -21.19
CA ASP B 18 10.58 42.64 -22.49
C ASP B 18 11.45 43.91 -22.41
N ASP B 19 11.51 44.52 -21.22
CA ASP B 19 12.32 45.72 -20.94
C ASP B 19 13.84 45.63 -21.23
N ASP B 20 14.40 44.42 -21.32
CA ASP B 20 15.87 44.20 -21.38
C ASP B 20 16.59 44.62 -20.07
N THR B 21 15.87 44.54 -18.95
CA THR B 21 16.44 44.55 -17.60
C THR B 21 16.02 43.23 -16.95
N VAL B 22 16.65 42.89 -15.83
CA VAL B 22 16.42 41.61 -15.16
C VAL B 22 16.30 41.77 -13.64
N ASP B 23 15.47 40.92 -13.02
CA ASP B 23 15.35 40.85 -11.56
C ASP B 23 16.37 39.84 -11.04
N VAL B 24 17.27 40.30 -10.16
CA VAL B 24 18.40 39.50 -9.69
C VAL B 24 18.48 39.58 -8.16
N PHE B 25 18.67 38.43 -7.52
CA PHE B 25 18.90 38.38 -6.06
C PHE B 25 20.41 38.53 -5.76
N THR B 26 20.79 39.73 -5.33
CA THR B 26 22.18 40.05 -4.95
C THR B 26 22.17 40.67 -3.56
N SER B 27 23.26 40.42 -2.81
CA SER B 27 23.50 41.06 -1.52
C SER B 27 22.32 40.89 -0.55
N GLY B 28 21.75 39.69 -0.56
CA GLY B 28 20.61 39.36 0.30
C GLY B 28 19.27 40.00 -0.02
N ARG B 29 19.10 40.60 -1.20
CA ARG B 29 17.80 41.17 -1.58
C ARG B 29 17.56 41.27 -3.08
N LYS B 30 16.27 41.30 -3.42
CA LYS B 30 15.79 41.30 -4.80
C LYS B 30 15.86 42.71 -5.37
N MET B 31 16.56 42.86 -6.50
CA MET B 31 16.71 44.15 -7.20
C MET B 31 16.54 43.96 -8.71
N ARG B 32 16.05 45.01 -9.39
CA ARG B 32 15.93 45.04 -10.85
C ARG B 32 17.16 45.75 -11.41
N LEU B 33 17.93 45.04 -12.22
CA LEU B 33 19.21 45.53 -12.72
C LEU B 33 19.25 45.49 -14.24
N THR B 34 19.97 46.45 -14.82
CA THR B 34 20.13 46.55 -16.27
C THR B 34 21.32 45.71 -16.74
N CYS B 35 21.20 45.11 -17.92
CA CYS B 35 22.27 44.31 -18.52
C CYS B 35 23.22 45.19 -19.33
N SER B 36 24.50 44.81 -19.38
CA SER B 36 25.46 45.50 -20.24
C SER B 36 25.12 45.16 -21.70
N PRO B 37 25.45 46.06 -22.64
CA PRO B 37 25.16 45.78 -24.05
C PRO B 37 25.79 44.47 -24.57
N ASN B 38 26.95 44.10 -24.02
CA ASN B 38 27.63 42.84 -24.34
C ASN B 38 26.69 41.62 -24.27
N ILE B 39 26.04 41.41 -23.13
CA ILE B 39 25.24 40.20 -22.90
C ILE B 39 23.81 40.30 -23.43
N ASP B 40 23.35 39.21 -24.05
CA ASP B 40 22.00 39.13 -24.62
C ASP B 40 21.04 38.68 -23.53
N ALA B 41 20.06 39.53 -23.19
CA ALA B 41 19.08 39.23 -22.12
C ALA B 41 18.12 38.07 -22.42
N ALA B 42 17.96 37.72 -23.70
CA ALA B 42 17.13 36.58 -24.12
C ALA B 42 17.80 35.21 -23.88
N SER B 43 19.13 35.14 -24.02
CA SER B 43 19.87 33.90 -23.80
C SER B 43 20.01 33.50 -22.32
N LEU B 44 19.67 34.41 -21.40
CA LEU B 44 19.70 34.14 -19.96
C LEU B 44 18.58 33.18 -19.54
N LYS B 45 18.80 32.48 -18.43
CA LYS B 45 17.92 31.38 -17.99
C LYS B 45 17.60 31.53 -16.50
N LYS B 46 16.41 31.09 -16.09
CA LYS B 46 15.96 31.19 -14.69
C LYS B 46 16.92 30.52 -13.71
N GLY B 47 17.37 31.26 -12.70
CA GLY B 47 18.25 30.73 -11.63
C GLY B 47 19.75 30.77 -11.90
N GLN B 48 20.12 31.35 -13.04
CA GLN B 48 21.51 31.39 -13.49
C GLN B 48 22.29 32.46 -12.72
N THR B 49 23.54 32.13 -12.36
CA THR B 49 24.40 33.05 -11.59
C THR B 49 24.99 34.10 -12.53
N VAL B 50 24.60 35.36 -12.33
CA VAL B 50 25.05 36.48 -13.17
C VAL B 50 26.09 37.33 -12.42
N ARG B 51 27.05 37.89 -13.16
CA ARG B 51 28.12 38.70 -12.56
C ARG B 51 27.78 40.19 -12.66
N LEU B 52 28.21 40.96 -11.66
CA LEU B 52 27.84 42.37 -11.49
C LEU B 52 29.09 43.29 -11.40
N ASN B 53 28.87 44.60 -11.24
CA ASN B 53 29.93 45.59 -10.94
C ASN B 53 29.38 46.63 -9.96
N GLU B 54 30.19 47.65 -9.61
CA GLU B 54 29.79 48.60 -8.56
C GLU B 54 28.68 49.61 -8.95
N ALA B 55 28.35 49.68 -10.24
CA ALA B 55 27.12 50.32 -10.69
C ALA B 55 25.92 49.35 -10.67
N LEU B 56 26.19 48.07 -10.39
CA LEU B 56 25.19 46.99 -10.32
C LEU B 56 24.52 46.78 -11.68
N THR B 57 25.35 46.40 -12.65
CA THR B 57 24.94 46.16 -14.02
C THR B 57 25.37 44.74 -14.37
N VAL B 58 24.46 43.95 -14.95
CA VAL B 58 24.74 42.56 -15.28
C VAL B 58 25.74 42.51 -16.44
N VAL B 59 26.99 42.23 -16.12
CA VAL B 59 28.07 42.21 -17.12
C VAL B 59 28.20 40.84 -17.83
N GLU B 60 28.09 39.73 -17.08
CA GLU B 60 28.37 38.38 -17.60
C GLU B 60 27.36 37.35 -17.07
N ALA B 61 27.11 36.31 -17.87
CA ALA B 61 26.26 35.17 -17.47
C ALA B 61 27.14 33.96 -17.16
N GLY B 62 26.80 33.26 -16.07
CA GLY B 62 27.56 32.09 -15.60
C GLY B 62 26.79 30.79 -15.69
N THR B 63 27.03 29.90 -14.73
CA THR B 63 26.28 28.64 -14.60
C THR B 63 25.40 28.71 -13.35
N PHE B 64 24.75 27.60 -13.00
CA PHE B 64 23.86 27.52 -11.83
C PHE B 64 24.65 27.11 -10.58
N GLU B 65 24.29 27.69 -9.42
CA GLU B 65 24.97 27.38 -8.14
C GLU B 65 24.98 25.87 -7.88
N ALA B 66 26.15 25.38 -7.44
CA ALA B 66 26.40 23.93 -7.28
C ALA B 66 26.71 23.49 -5.85
N VAL B 67 26.55 24.40 -4.87
CA VAL B 67 26.68 24.06 -3.45
C VAL B 67 25.65 24.85 -2.64
N GLY B 68 25.13 24.25 -1.58
CA GLY B 68 24.09 24.87 -0.77
C GLY B 68 23.25 23.86 0.02
N GLU B 69 22.11 24.33 0.52
CA GLU B 69 21.18 23.50 1.29
C GLU B 69 20.53 22.49 0.35
N ILE B 70 20.22 21.31 0.89
CA ILE B 70 19.39 20.31 0.21
C ILE B 70 18.03 20.21 0.90
N SER B 71 16.97 20.16 0.09
CA SER B 71 15.62 19.96 0.57
C SER B 71 15.00 18.79 -0.18
N THR B 72 14.01 18.16 0.45
CA THR B 72 13.27 17.06 -0.16
C THR B 72 12.01 17.61 -0.82
N LEU B 73 11.86 17.36 -2.11
CA LEU B 73 10.72 17.82 -2.89
C LEU B 73 9.43 17.09 -2.49
N ARG B 74 8.41 17.84 -2.09
CA ARG B 74 7.08 17.25 -1.80
C ARG B 74 6.24 17.16 -3.07
N GLU B 75 6.18 18.27 -3.81
CA GLU B 75 5.43 18.30 -5.07
C GLU B 75 5.82 19.46 -5.97
N ILE B 76 5.50 19.31 -7.26
CA ILE B 76 5.54 20.41 -8.21
C ILE B 76 4.15 21.03 -8.21
N LEU B 77 4.08 22.36 -8.08
CA LEU B 77 2.78 23.07 -8.09
C LEU B 77 2.17 23.04 -9.49
N ALA B 78 0.90 23.44 -9.57
CA ALA B 78 0.11 23.31 -10.82
C ALA B 78 0.64 24.15 -11.97
N ASP B 79 1.12 25.35 -11.66
CA ASP B 79 1.69 26.26 -12.66
C ASP B 79 2.95 25.72 -13.38
N GLY B 80 3.63 24.74 -12.77
CA GLY B 80 4.78 24.06 -13.40
C GLY B 80 6.12 24.74 -13.17
N HIS B 81 6.11 25.99 -12.72
CA HIS B 81 7.32 26.79 -12.51
C HIS B 81 7.85 26.68 -11.08
N ARG B 82 6.95 26.50 -10.11
CA ARG B 82 7.31 26.44 -8.69
C ARG B 82 7.19 25.04 -8.11
N ALA B 83 7.90 24.83 -7.01
CA ALA B 83 7.95 23.55 -6.33
C ALA B 83 7.88 23.75 -4.81
N LEU B 84 7.24 22.78 -4.14
CA LEU B 84 7.11 22.77 -2.68
C LEU B 84 8.14 21.80 -2.13
N VAL B 85 9.06 22.29 -1.29
CA VAL B 85 10.14 21.46 -0.72
C VAL B 85 10.21 21.56 0.80
N VAL B 86 10.73 20.52 1.46
CA VAL B 86 10.89 20.50 2.92
C VAL B 86 12.36 20.27 3.33
N GLY B 87 12.84 21.12 4.24
CA GLY B 87 14.23 21.14 4.65
C GLY B 87 14.49 20.31 5.88
N HIS B 88 15.71 20.43 6.40
CA HIS B 88 16.18 19.66 7.55
C HIS B 88 15.35 19.79 8.84
N ALA B 89 14.77 20.97 9.05
CA ALA B 89 13.99 21.26 10.25
C ALA B 89 12.47 21.11 10.04
N ASP B 90 12.07 20.37 8.99
CA ASP B 90 10.69 20.32 8.49
C ASP B 90 10.10 21.67 8.06
N GLU B 91 10.94 22.64 7.66
CA GLU B 91 10.46 23.93 7.14
C GLU B 91 10.06 23.76 5.68
N GLU B 92 8.78 24.03 5.39
CA GLU B 92 8.27 23.82 4.03
C GLU B 92 8.16 25.16 3.30
N ARG B 93 8.69 25.19 2.08
CA ARG B 93 8.89 26.44 1.34
C ARG B 93 8.58 26.26 -0.14
N VAL B 94 8.03 27.31 -0.76
CA VAL B 94 7.92 27.36 -2.20
C VAL B 94 9.19 27.98 -2.77
N VAL B 95 9.66 27.41 -3.87
CA VAL B 95 10.82 27.92 -4.59
C VAL B 95 10.58 27.79 -6.09
N TRP B 96 11.25 28.64 -6.86
CA TRP B 96 11.23 28.55 -8.33
C TRP B 96 12.12 27.40 -8.82
N LEU B 97 11.68 26.72 -9.89
CA LEU B 97 12.49 25.70 -10.56
C LEU B 97 13.42 26.34 -11.60
N ALA B 98 14.74 26.18 -11.43
CA ALA B 98 15.73 26.67 -12.39
C ALA B 98 15.74 25.86 -13.68
N ASP B 99 16.34 26.43 -14.72
CA ASP B 99 16.23 25.91 -16.10
C ASP B 99 16.60 24.44 -16.31
N PRO B 100 17.64 23.93 -15.62
CA PRO B 100 17.95 22.49 -15.72
C PRO B 100 16.87 21.50 -15.23
N LEU B 101 15.80 22.00 -14.58
CA LEU B 101 14.69 21.16 -14.14
C LEU B 101 13.44 21.44 -15.00
N ILE B 102 13.00 22.70 -15.04
CA ILE B 102 11.90 23.15 -15.92
C ILE B 102 12.32 23.08 -17.40
N PRO B 106 13.33 11.87 -19.20
CA PRO B 106 13.33 13.32 -19.39
C PRO B 106 14.37 14.14 -18.58
N ARG B 107 14.57 13.91 -17.27
CA ARG B 107 13.79 12.99 -16.41
C ARG B 107 12.95 13.77 -15.40
N LYS B 108 11.82 13.18 -15.06
CA LYS B 108 10.78 13.87 -14.30
C LYS B 108 11.17 13.99 -12.83
N LEU B 109 10.93 15.16 -12.25
CA LEU B 109 11.06 15.36 -10.81
C LEU B 109 9.86 14.75 -10.12
N ARG B 110 10.12 13.97 -9.08
CA ARG B 110 9.09 13.26 -8.34
C ARG B 110 9.20 13.50 -6.83
N PRO B 111 8.07 13.37 -6.11
CA PRO B 111 8.09 13.41 -4.66
C PRO B 111 9.10 12.43 -4.05
N GLY B 112 10.04 12.97 -3.25
CA GLY B 112 11.12 12.19 -2.65
C GLY B 112 12.50 12.64 -3.11
N ASP B 113 12.57 13.30 -4.25
CA ASP B 113 13.86 13.77 -4.79
C ASP B 113 14.48 14.86 -3.96
N SER B 114 15.82 14.86 -3.94
CA SER B 114 16.61 15.85 -3.23
C SER B 114 17.04 16.96 -4.20
N LEU B 115 16.65 18.19 -3.89
CA LEU B 115 17.02 19.34 -4.70
C LEU B 115 17.95 20.27 -3.94
N LEU B 116 19.01 20.73 -4.62
CA LEU B 116 19.88 21.79 -4.12
C LEU B 116 19.11 23.11 -4.21
N VAL B 117 19.09 23.87 -3.12
CA VAL B 117 18.28 25.08 -3.05
C VAL B 117 19.03 26.27 -2.45
N ASP B 118 18.65 27.48 -2.88
CA ASP B 118 18.94 28.72 -2.17
C ASP B 118 17.58 29.28 -1.75
N THR B 119 17.29 29.18 -0.45
CA THR B 119 16.02 29.62 0.12
C THR B 119 15.92 31.13 0.31
N LYS B 120 17.04 31.84 0.22
CA LYS B 120 17.05 33.30 0.29
C LYS B 120 16.55 33.88 -1.04
N ALA B 121 17.12 33.39 -2.14
CA ALA B 121 16.69 33.72 -3.50
C ALA B 121 15.35 33.06 -3.86
N GLY B 122 15.08 31.91 -3.25
CA GLY B 122 13.87 31.16 -3.50
C GLY B 122 13.97 30.39 -4.79
N TYR B 123 15.08 29.66 -4.97
CA TYR B 123 15.33 28.88 -6.20
C TYR B 123 15.84 27.47 -5.89
N ALA B 124 15.55 26.54 -6.79
CA ALA B 124 16.04 25.16 -6.73
C ALA B 124 16.79 24.86 -8.01
N PHE B 125 18.10 24.58 -7.89
CA PHE B 125 19.01 24.58 -9.05
C PHE B 125 19.25 23.24 -9.72
N GLU B 126 19.25 22.17 -8.92
CA GLU B 126 19.75 20.87 -9.39
C GLU B 126 19.07 19.76 -8.60
N ARG B 127 18.99 18.58 -9.20
CA ARG B 127 18.60 17.39 -8.48
C ARG B 127 19.87 16.65 -8.09
N ILE B 128 20.07 16.43 -6.79
CA ILE B 128 21.23 15.70 -6.30
C ILE B 128 20.81 14.23 -6.14
N PRO B 129 21.38 13.33 -6.96
CA PRO B 129 21.08 11.91 -6.76
C PRO B 129 21.86 11.41 -5.56
N LYS B 130 21.21 10.57 -4.76
CA LYS B 130 21.82 10.01 -3.57
C LYS B 130 21.88 8.50 -3.69
N ALA B 131 23.04 7.91 -3.73
CA ALA B 131 23.12 6.50 -3.43
C ALA B 131 22.93 6.27 -1.97
N GLU B 132 22.54 5.05 -1.60
CA GLU B 132 21.49 4.63 -0.65
C GLU B 132 20.05 4.65 -1.08
N VAL B 133 19.58 5.77 -1.55
CA VAL B 133 18.26 5.90 -2.19
C VAL B 133 18.25 5.17 -3.53
N GLU B 134 19.30 5.37 -4.33
CA GLU B 134 19.38 4.73 -5.64
C GLU B 134 19.53 3.22 -5.50
N ASP B 135 20.40 2.79 -4.59
CA ASP B 135 20.64 1.35 -4.38
C ASP B 135 19.54 0.67 -3.56
N LEU B 136 18.62 1.45 -2.98
CA LEU B 136 17.37 0.91 -2.40
C LEU B 136 16.37 0.58 -3.51
N VAL B 137 16.13 1.55 -4.37
CA VAL B 137 15.12 1.44 -5.43
C VAL B 137 15.65 0.84 -6.75
N LEU B 138 16.87 0.31 -6.75
CA LEU B 138 17.50 -0.17 -7.99
C LEU B 138 16.80 -1.41 -8.52
N GLU B 139 16.49 -1.40 -9.82
CA GLU B 139 16.01 -2.60 -10.51
C GLU B 139 17.20 -3.53 -10.77
N GLU B 140 16.96 -4.83 -10.74
CA GLU B 140 18.00 -5.84 -11.00
C GLU B 140 17.52 -6.83 -12.05
N VAL B 141 18.46 -7.35 -12.83
CA VAL B 141 18.20 -8.48 -13.69
C VAL B 141 18.10 -9.70 -12.78
N PRO B 142 16.98 -10.45 -12.85
CA PRO B 142 16.85 -11.58 -11.90
C PRO B 142 17.81 -12.75 -12.19
N ASP B 143 18.42 -13.30 -11.15
CA ASP B 143 19.43 -14.37 -11.29
C ASP B 143 18.76 -15.70 -11.62
N VAL B 144 17.65 -15.97 -10.94
CA VAL B 144 17.06 -17.29 -10.81
C VAL B 144 16.06 -17.54 -11.94
N SER B 145 15.86 -18.82 -12.27
CA SER B 145 14.87 -19.25 -13.25
C SER B 145 14.09 -20.43 -12.70
N TYR B 146 12.94 -20.73 -13.29
CA TYR B 146 12.11 -21.86 -12.85
C TYR B 146 12.86 -23.22 -12.87
N ALA B 147 13.86 -23.33 -13.75
CA ALA B 147 14.70 -24.53 -13.82
C ALA B 147 15.70 -24.64 -12.67
N ASP B 148 15.96 -23.53 -11.97
CA ASP B 148 16.81 -23.57 -10.77
C ASP B 148 16.02 -23.99 -9.54
N ILE B 149 14.68 -23.97 -9.60
CA ILE B 149 13.82 -24.29 -8.45
C ILE B 149 13.33 -25.72 -8.54
N GLY B 150 13.50 -26.48 -7.46
CA GLY B 150 13.06 -27.87 -7.38
C GLY B 150 11.85 -28.07 -6.47
N GLY B 151 10.93 -28.94 -6.90
CA GLY B 151 9.85 -29.43 -6.04
C GLY B 151 8.67 -28.51 -5.84
N LEU B 152 8.49 -27.53 -6.73
CA LEU B 152 7.42 -26.54 -6.58
C LEU B 152 6.70 -26.28 -7.90
N SER B 153 6.40 -27.34 -8.63
CA SER B 153 5.69 -27.22 -9.92
C SER B 153 4.32 -26.58 -9.76
N ARG B 154 3.57 -27.06 -8.78
CA ARG B 154 2.26 -26.50 -8.43
C ARG B 154 2.31 -24.97 -8.23
N GLN B 155 3.26 -24.51 -7.43
CA GLN B 155 3.36 -23.10 -7.03
C GLN B 155 3.92 -22.21 -8.14
N ILE B 156 4.77 -22.77 -8.99
CA ILE B 156 5.22 -22.10 -10.20
C ILE B 156 4.04 -21.84 -11.15
N GLU B 157 3.06 -22.75 -11.18
CA GLU B 157 1.85 -22.55 -11.98
C GLU B 157 0.97 -21.46 -11.39
N GLN B 158 0.88 -21.41 -10.06
CA GLN B 158 0.08 -20.38 -9.38
C GLN B 158 0.65 -18.98 -9.60
N ILE B 159 1.97 -18.85 -9.47
CA ILE B 159 2.66 -17.58 -9.67
C ILE B 159 2.64 -17.16 -11.15
N ARG B 160 2.68 -18.12 -12.07
CA ARG B 160 2.49 -17.85 -13.52
C ARG B 160 1.10 -17.29 -13.81
N ASP B 161 0.09 -17.96 -13.28
CA ASP B 161 -1.32 -17.54 -13.43
C ASP B 161 -1.56 -16.14 -12.85
N ALA B 162 -0.96 -15.85 -11.69
CA ALA B 162 -1.17 -14.57 -11.03
C ALA B 162 -0.48 -13.42 -11.75
N VAL B 163 0.81 -13.61 -12.07
CA VAL B 163 1.68 -12.54 -12.56
C VAL B 163 1.82 -12.53 -14.07
N GLU B 164 2.13 -13.68 -14.64
CA GLU B 164 2.55 -13.79 -16.04
C GLU B 164 1.34 -13.81 -16.97
N LEU B 165 0.35 -14.66 -16.65
CA LEU B 165 -0.79 -14.93 -17.55
C LEU B 165 -1.63 -13.70 -17.95
N PRO B 166 -2.01 -12.83 -16.99
CA PRO B 166 -2.72 -11.59 -17.34
C PRO B 166 -2.11 -10.72 -18.44
N PHE B 167 -0.79 -10.59 -18.44
CA PHE B 167 -0.09 -9.77 -19.45
C PHE B 167 -0.09 -10.41 -20.82
N LEU B 168 0.02 -11.74 -20.86
CA LEU B 168 0.11 -12.47 -22.14
C LEU B 168 -1.22 -12.49 -22.88
N HIS B 169 -2.33 -12.70 -22.16
CA HIS B 169 -3.67 -12.78 -22.74
C HIS B 169 -4.58 -11.68 -22.18
N LYS B 170 -4.20 -10.43 -22.42
CA LYS B 170 -4.99 -9.28 -21.96
C LYS B 170 -6.45 -9.32 -22.45
N GLU B 171 -6.64 -9.65 -23.73
CA GLU B 171 -7.96 -9.58 -24.37
C GLU B 171 -8.91 -10.71 -23.99
N LEU B 172 -8.32 -11.88 -23.73
CA LEU B 172 -9.07 -13.02 -23.21
C LEU B 172 -9.49 -12.81 -21.74
N TYR B 173 -8.71 -12.03 -21.00
CA TYR B 173 -9.09 -11.60 -19.64
C TYR B 173 -10.24 -10.58 -19.68
N ARG B 174 -10.17 -9.63 -20.59
CA ARG B 174 -11.24 -8.65 -20.81
C ARG B 174 -12.55 -9.29 -21.29
N GLU B 175 -12.44 -10.35 -22.10
CA GLU B 175 -13.60 -11.11 -22.61
C GLU B 175 -14.41 -11.78 -21.49
N TYR B 176 -13.71 -12.39 -20.53
CA TYR B 176 -14.36 -13.08 -19.39
C TYR B 176 -14.62 -12.17 -18.19
N SER B 177 -14.46 -10.84 -18.37
CA SER B 177 -14.69 -9.82 -17.32
C SER B 177 -13.91 -10.11 -16.06
N LEU B 178 -12.67 -10.53 -16.22
CA LEU B 178 -11.80 -10.91 -15.11
C LEU B 178 -10.73 -9.85 -14.95
N ARG B 179 -10.78 -9.13 -13.84
CA ARG B 179 -9.73 -8.17 -13.48
C ARG B 179 -8.57 -8.97 -12.89
N PRO B 180 -7.34 -8.77 -13.41
CA PRO B 180 -6.23 -9.60 -12.94
C PRO B 180 -5.84 -9.30 -11.49
N PRO B 181 -5.33 -10.32 -10.76
CA PRO B 181 -4.81 -10.02 -9.42
C PRO B 181 -3.64 -9.06 -9.52
N LYS B 182 -3.36 -8.35 -8.44
CA LYS B 182 -2.29 -7.38 -8.44
C LYS B 182 -1.32 -7.45 -7.25
N GLY B 183 -1.58 -8.35 -6.31
CA GLY B 183 -0.68 -8.56 -5.21
C GLY B 183 -0.57 -10.03 -4.92
N VAL B 184 0.63 -10.48 -4.60
CA VAL B 184 0.90 -11.86 -4.22
C VAL B 184 1.58 -11.94 -2.85
N LEU B 185 1.12 -12.88 -2.02
CA LEU B 185 1.81 -13.25 -0.79
C LEU B 185 2.42 -14.62 -1.01
N LEU B 186 3.75 -14.70 -0.94
CA LEU B 186 4.44 -15.98 -0.79
C LEU B 186 4.57 -16.17 0.71
N TYR B 187 4.32 -17.37 1.19
CA TYR B 187 4.41 -17.65 2.61
C TYR B 187 4.67 -19.12 2.92
N GLY B 188 5.42 -19.35 3.99
CA GLY B 188 5.64 -20.71 4.50
C GLY B 188 6.95 -20.82 5.24
N PRO B 189 7.29 -22.02 5.76
CA PRO B 189 8.54 -22.28 6.49
C PRO B 189 9.74 -21.73 5.74
N PRO B 190 10.79 -21.29 6.47
CA PRO B 190 11.95 -20.72 5.82
C PRO B 190 12.83 -21.71 5.07
N GLY B 191 13.69 -21.16 4.23
CA GLY B 191 14.57 -21.91 3.35
C GLY B 191 13.89 -22.82 2.34
N CYS B 192 12.65 -22.49 1.95
CA CYS B 192 11.86 -23.39 1.09
C CYS B 192 11.62 -22.93 -0.35
N GLY B 193 11.88 -21.66 -0.67
CA GLY B 193 11.85 -21.21 -2.07
C GLY B 193 11.19 -19.90 -2.45
N LYS B 194 10.79 -19.09 -1.48
CA LYS B 194 9.99 -17.90 -1.77
C LYS B 194 10.78 -16.82 -2.47
N THR B 195 12.05 -16.66 -2.11
CA THR B 195 12.88 -15.68 -2.81
C THR B 195 13.09 -16.19 -4.23
N LEU B 196 13.44 -17.47 -4.35
CA LEU B 196 13.67 -18.07 -5.66
C LEU B 196 12.46 -17.94 -6.59
N ILE B 197 11.28 -18.32 -6.09
CA ILE B 197 10.05 -18.30 -6.89
C ILE B 197 9.71 -16.89 -7.37
N ALA B 198 9.99 -15.87 -6.54
CA ALA B 198 9.72 -14.48 -6.88
C ALA B 198 10.66 -13.96 -7.96
N LYS B 199 11.94 -14.34 -7.87
CA LYS B 199 12.92 -13.97 -8.90
C LYS B 199 12.66 -14.71 -10.21
N ALA B 200 12.31 -15.99 -10.10
CA ALA B 200 12.01 -16.82 -11.25
C ALA B 200 10.83 -16.27 -12.04
N VAL B 201 9.76 -15.82 -11.36
CA VAL B 201 8.59 -15.28 -12.06
C VAL B 201 8.91 -13.95 -12.76
N ALA B 202 9.73 -13.13 -12.13
CA ALA B 202 10.27 -11.92 -12.78
C ALA B 202 11.19 -12.26 -13.95
N ASN B 203 11.91 -13.37 -13.85
CA ASN B 203 12.82 -13.83 -14.92
C ASN B 203 12.08 -14.31 -16.17
N SER B 204 11.12 -15.23 -15.98
CA SER B 204 10.35 -15.75 -17.10
C SER B 204 9.49 -14.67 -17.77
N LEU B 205 9.01 -13.71 -16.97
CA LEU B 205 8.28 -12.55 -17.48
C LEU B 205 9.16 -11.67 -18.37
N ALA B 206 10.38 -11.40 -17.91
CA ALA B 206 11.35 -10.63 -18.69
C ALA B 206 11.73 -11.35 -19.99
N LYS B 207 11.89 -12.68 -19.92
CA LYS B 207 12.16 -13.52 -21.09
C LYS B 207 11.03 -13.50 -22.13
N LYS B 208 9.79 -13.27 -21.69
CA LYS B 208 8.67 -13.05 -22.62
C LYS B 208 8.53 -11.58 -23.04
N MET B 209 9.67 -10.92 -23.26
CA MET B 209 9.75 -9.65 -23.98
C MET B 209 10.86 -9.87 -25.03
N ALA B 210 10.61 -10.81 -25.94
CA ALA B 210 11.55 -11.25 -26.98
C ALA B 210 11.00 -10.90 -28.36
N LYS B 221 13.13 -3.08 -20.82
CA LYS B 221 11.82 -3.55 -21.28
C LYS B 221 11.04 -4.43 -20.25
N SER B 222 11.60 -4.59 -19.05
CA SER B 222 10.90 -5.21 -17.90
C SER B 222 11.62 -4.83 -16.62
N TYR B 223 10.89 -4.63 -15.52
CA TYR B 223 11.50 -4.10 -14.29
C TYR B 223 11.15 -4.94 -13.05
N PHE B 224 12.17 -5.17 -12.21
CA PHE B 224 12.03 -6.00 -11.01
C PHE B 224 12.78 -5.36 -9.86
N LEU B 225 12.05 -4.73 -8.94
CA LEU B 225 12.64 -4.09 -7.76
C LEU B 225 12.63 -5.05 -6.58
N ASN B 226 13.83 -5.39 -6.13
CA ASN B 226 14.02 -6.34 -5.04
C ASN B 226 14.43 -5.58 -3.78
N ILE B 227 13.54 -5.62 -2.78
CA ILE B 227 13.74 -4.96 -1.50
C ILE B 227 13.53 -5.97 -0.39
N LYS B 228 14.49 -6.04 0.53
CA LYS B 228 14.40 -6.92 1.70
C LYS B 228 13.94 -6.11 2.91
N GLY B 229 13.20 -6.76 3.81
CA GLY B 229 12.62 -6.12 5.00
C GLY B 229 13.53 -5.17 5.77
N PRO B 230 14.69 -5.66 6.23
CA PRO B 230 15.74 -4.85 6.88
C PRO B 230 16.12 -3.55 6.16
N GLU B 231 16.16 -3.55 4.82
CA GLU B 231 16.47 -2.35 4.04
C GLU B 231 15.54 -1.17 4.32
N LEU B 232 14.29 -1.45 4.72
CA LEU B 232 13.32 -0.40 5.03
C LEU B 232 13.60 0.31 6.34
N LEU B 233 14.07 -0.45 7.34
CA LEU B 233 14.30 0.08 8.68
C LEU B 233 15.57 0.93 8.82
N ASN B 234 16.48 0.83 7.85
CA ASN B 234 17.69 1.67 7.76
C ASN B 234 17.49 3.12 8.28
N GLY B 238 16.19 7.96 5.20
CA GLY B 238 15.34 8.51 6.28
C GLY B 238 14.52 7.47 7.03
N GLU B 239 13.30 7.85 7.43
CA GLU B 239 12.39 6.97 8.19
C GLU B 239 11.50 6.16 7.23
N THR B 240 11.05 4.97 7.67
CA THR B 240 10.31 4.00 6.81
C THR B 240 9.26 4.58 5.85
N GLU B 241 8.60 5.67 6.26
CA GLU B 241 7.66 6.42 5.41
C GLU B 241 8.31 6.78 4.06
N ARG B 242 9.46 7.43 4.15
CA ARG B 242 10.22 7.87 3.00
C ARG B 242 10.72 6.69 2.15
N HIS B 243 11.12 5.58 2.79
CA HIS B 243 11.54 4.37 2.08
C HIS B 243 10.46 3.89 1.13
N ILE B 244 9.26 3.73 1.67
CA ILE B 244 8.11 3.21 0.91
C ILE B 244 7.69 4.23 -0.16
N ARG B 245 7.69 5.51 0.19
CA ARG B 245 7.34 6.56 -0.75
C ARG B 245 8.27 6.56 -1.95
N LEU B 246 9.57 6.40 -1.71
CA LEU B 246 10.57 6.35 -2.78
C LEU B 246 10.44 5.10 -3.65
N ILE B 247 10.26 3.94 -3.01
CA ILE B 247 10.13 2.65 -3.72
C ILE B 247 8.94 2.68 -4.68
N PHE B 248 7.76 3.03 -4.19
CA PHE B 248 6.56 3.08 -5.03
C PHE B 248 6.56 4.19 -6.07
N GLN B 249 7.29 5.27 -5.79
CA GLN B 249 7.45 6.37 -6.73
C GLN B 249 8.35 5.97 -7.88
N ARG B 250 9.38 5.16 -7.60
CA ARG B 250 10.23 4.60 -8.65
C ARG B 250 9.48 3.55 -9.49
N ALA B 251 8.62 2.77 -8.84
CA ALA B 251 7.75 1.84 -9.56
C ALA B 251 6.81 2.61 -10.48
N ARG B 252 6.31 3.75 -10.00
CA ARG B 252 5.47 4.65 -10.79
C ARG B 252 6.23 5.17 -12.00
N GLU B 253 7.49 5.55 -11.82
CA GLU B 253 8.40 5.96 -12.91
C GLU B 253 8.48 4.89 -14.02
N LYS B 254 8.89 3.68 -13.65
CA LYS B 254 9.04 2.59 -14.62
C LYS B 254 7.71 2.12 -15.22
N ALA B 255 6.62 2.31 -14.49
CA ALA B 255 5.28 1.96 -14.97
C ALA B 255 4.77 2.86 -16.09
N SER B 256 5.20 4.13 -16.09
CA SER B 256 4.83 5.08 -17.15
C SER B 256 5.22 4.63 -18.56
N GLU B 257 6.29 3.85 -18.67
CA GLU B 257 6.79 3.36 -19.96
C GLU B 257 5.91 2.28 -20.63
N GLY B 258 4.91 1.74 -19.92
CA GLY B 258 4.06 0.66 -20.46
C GLY B 258 4.50 -0.73 -20.05
N THR B 259 5.73 -0.81 -19.51
CA THR B 259 6.40 -2.04 -19.14
C THR B 259 5.79 -2.67 -17.87
N PRO B 260 5.84 -4.02 -17.74
CA PRO B 260 5.49 -4.63 -16.44
C PRO B 260 6.55 -4.42 -15.36
N VAL B 261 6.08 -4.12 -14.14
CA VAL B 261 6.94 -3.75 -13.01
C VAL B 261 6.60 -4.59 -11.76
N ILE B 262 7.50 -5.49 -11.37
CA ILE B 262 7.32 -6.30 -10.16
C ILE B 262 8.07 -5.66 -8.99
N VAL B 263 7.34 -5.37 -7.91
CA VAL B 263 7.91 -4.78 -6.71
C VAL B 263 7.84 -5.83 -5.62
N PHE B 264 8.99 -6.47 -5.36
CA PHE B 264 9.10 -7.59 -4.41
C PHE B 264 9.60 -7.15 -3.01
N PHE B 265 8.80 -7.44 -1.98
CA PHE B 265 9.16 -7.15 -0.59
C PHE B 265 9.50 -8.46 0.12
N ASP B 266 10.77 -8.82 0.08
CA ASP B 266 11.29 -10.05 0.66
C ASP B 266 11.52 -9.85 2.15
N GLU B 267 11.53 -10.94 2.91
CA GLU B 267 11.77 -10.90 4.36
C GLU B 267 10.85 -9.89 5.08
N MET B 268 9.59 -9.87 4.69
CA MET B 268 8.60 -8.92 5.22
C MET B 268 8.28 -9.19 6.71
N ASP B 269 8.59 -10.41 7.20
CA ASP B 269 8.49 -10.80 8.64
C ASP B 269 8.66 -9.69 9.65
N SER B 270 9.76 -8.95 9.51
CA SER B 270 10.15 -7.86 10.43
C SER B 270 9.07 -6.77 10.51
N ILE B 271 8.64 -6.29 9.34
CA ILE B 271 7.51 -5.37 9.24
C ILE B 271 6.29 -6.14 9.75
N PHE B 272 5.44 -5.48 10.55
CA PHE B 272 4.40 -6.14 11.39
C PHE B 272 4.91 -7.35 12.16
N VAL B 287 6.59 -0.41 8.58
CA VAL B 287 5.32 -0.20 9.27
C VAL B 287 4.16 -0.19 8.24
N VAL B 288 3.01 -0.72 8.65
CA VAL B 288 1.95 -1.13 7.71
C VAL B 288 1.15 -0.03 6.97
N PRO B 289 0.73 1.07 7.66
CA PRO B 289 -0.24 1.97 7.03
C PRO B 289 0.19 2.68 5.73
N GLN B 290 1.49 2.78 5.46
CA GLN B 290 1.98 3.44 4.25
C GLN B 290 2.08 2.41 3.15
N LEU B 291 2.47 1.19 3.51
CA LEU B 291 2.49 0.05 2.59
C LEU B 291 1.08 -0.23 2.02
N LEU B 292 0.09 -0.34 2.92
CA LEU B 292 -1.32 -0.49 2.53
C LEU B 292 -1.79 0.65 1.64
N SER B 293 -1.52 1.86 2.12
CA SER B 293 -1.92 3.08 1.43
C SER B 293 -1.27 3.20 0.04
N GLU B 294 -0.02 2.75 -0.09
CA GLU B 294 0.69 2.77 -1.39
C GLU B 294 0.27 1.66 -2.34
N ILE B 295 -0.04 0.47 -1.82
CA ILE B 295 -0.59 -0.62 -2.63
C ILE B 295 -1.97 -0.24 -3.20
N ASP B 296 -2.82 0.39 -2.36
CA ASP B 296 -4.11 0.93 -2.83
C ASP B 296 -3.91 2.01 -3.90
N GLY B 297 -2.88 2.84 -3.71
CA GLY B 297 -2.52 3.90 -4.66
C GLY B 297 -2.09 3.46 -6.05
N VAL B 298 -1.41 2.31 -6.13
CA VAL B 298 -1.02 1.72 -7.44
C VAL B 298 -2.10 0.84 -8.10
N GLU B 299 -3.29 0.76 -7.53
CA GLU B 299 -4.42 0.07 -8.16
C GLU B 299 -4.79 0.64 -9.54
N GLY B 300 -4.70 1.97 -9.68
CA GLY B 300 -4.85 2.61 -11.00
C GLY B 300 -3.96 2.00 -12.07
N LEU B 301 -2.70 1.81 -11.73
CA LEU B 301 -1.69 1.30 -12.66
C LEU B 301 -1.82 -0.20 -12.89
N GLU B 302 -2.22 -0.60 -14.09
CA GLU B 302 -2.47 -2.01 -14.44
C GLU B 302 -1.19 -2.87 -14.61
N ASN B 303 -0.03 -2.23 -14.63
CA ASN B 303 1.23 -2.93 -14.93
C ASN B 303 2.20 -3.03 -13.72
N VAL B 304 1.76 -2.65 -12.52
CA VAL B 304 2.58 -2.74 -11.31
C VAL B 304 2.04 -3.86 -10.42
N ILE B 305 2.91 -4.81 -10.05
CA ILE B 305 2.53 -5.95 -9.21
C ILE B 305 3.40 -5.98 -7.98
N VAL B 306 2.77 -6.22 -6.83
CA VAL B 306 3.45 -6.29 -5.55
C VAL B 306 3.46 -7.75 -5.11
N ILE B 307 4.66 -8.26 -4.81
CA ILE B 307 4.82 -9.58 -4.22
C ILE B 307 5.47 -9.37 -2.87
N GLY B 308 4.94 -10.06 -1.86
CA GLY B 308 5.51 -10.05 -0.52
C GLY B 308 5.83 -11.47 -0.11
N ALA B 309 6.85 -11.65 0.73
CA ALA B 309 7.23 -12.95 1.25
C ALA B 309 7.33 -12.90 2.77
N SER B 310 6.77 -13.88 3.47
CA SER B 310 6.78 -13.93 4.93
C SER B 310 6.92 -15.37 5.45
N ASN B 311 7.90 -15.60 6.32
CA ASN B 311 8.05 -16.87 7.05
C ASN B 311 6.96 -17.10 8.10
N ARG B 312 6.35 -16.01 8.58
CA ARG B 312 5.37 -16.06 9.66
C ARG B 312 3.99 -15.60 9.15
N GLU B 313 3.30 -16.54 8.48
CA GLU B 313 1.87 -16.40 8.12
C GLU B 313 0.99 -15.83 9.25
N ASP B 314 1.22 -16.36 10.45
CA ASP B 314 0.44 -16.01 11.66
C ASP B 314 0.54 -14.54 12.12
N MET B 315 1.72 -13.93 12.01
CA MET B 315 1.93 -12.51 12.42
C MET B 315 1.51 -11.46 11.38
N ILE B 316 0.98 -11.89 10.22
CA ILE B 316 0.66 -10.96 9.14
C ILE B 316 -0.56 -10.10 9.50
N ASP B 317 -0.48 -8.80 9.24
CA ASP B 317 -1.62 -7.89 9.41
C ASP B 317 -2.68 -8.25 8.37
N PRO B 318 -3.88 -8.68 8.82
CA PRO B 318 -4.94 -9.07 7.86
C PRO B 318 -5.23 -8.04 6.77
N ALA B 319 -5.08 -6.75 7.11
CA ALA B 319 -5.26 -5.65 6.17
C ALA B 319 -4.55 -5.84 4.83
N ILE B 320 -3.30 -6.34 4.89
CA ILE B 320 -2.47 -6.57 3.67
C ILE B 320 -3.06 -7.64 2.74
N LEU B 321 -3.82 -8.58 3.29
CA LEU B 321 -4.42 -9.68 2.52
C LEU B 321 -5.85 -9.43 2.02
N ARG B 322 -6.41 -8.23 2.23
CA ARG B 322 -7.79 -7.95 1.80
C ARG B 322 -7.86 -7.65 0.30
N PRO B 323 -9.03 -7.89 -0.33
CA PRO B 323 -9.28 -7.62 -1.76
C PRO B 323 -8.63 -6.33 -2.27
N GLY B 324 -7.89 -6.44 -3.38
CA GLY B 324 -7.14 -5.31 -3.94
C GLY B 324 -5.66 -5.25 -3.62
N ARG B 325 -5.25 -5.88 -2.52
CA ARG B 325 -3.86 -5.87 -2.07
C ARG B 325 -3.26 -7.25 -2.34
N LEU B 326 -2.65 -7.92 -1.35
CA LEU B 326 -2.09 -9.26 -1.56
C LEU B 326 -3.19 -10.35 -1.64
N ASP B 327 -3.86 -10.38 -2.81
CA ASP B 327 -5.02 -11.25 -3.05
C ASP B 327 -4.62 -12.71 -3.16
N VAL B 328 -3.59 -12.95 -3.98
CA VAL B 328 -3.15 -14.30 -4.30
C VAL B 328 -2.19 -14.73 -3.20
N LYS B 329 -2.56 -15.78 -2.45
CA LYS B 329 -1.73 -16.30 -1.38
C LYS B 329 -1.20 -17.65 -1.83
N ILE B 330 0.12 -17.74 -1.96
CA ILE B 330 0.79 -18.93 -2.49
C ILE B 330 1.69 -19.50 -1.39
N LYS B 331 1.40 -20.73 -0.98
CA LYS B 331 2.13 -21.39 0.10
C LYS B 331 3.26 -22.26 -0.43
N ILE B 332 4.49 -21.91 -0.05
CA ILE B 332 5.70 -22.67 -0.37
C ILE B 332 5.96 -23.53 0.86
N GLU B 333 5.68 -24.83 0.73
CA GLU B 333 5.81 -25.79 1.84
C GLU B 333 7.18 -26.45 1.87
N ARG B 334 7.44 -27.20 2.94
CA ARG B 334 8.64 -28.01 3.06
C ARG B 334 8.60 -29.16 2.06
N PRO B 335 9.78 -29.60 1.56
CA PRO B 335 9.77 -30.67 0.56
C PRO B 335 9.48 -32.04 1.16
N ASP B 336 8.80 -32.86 0.36
CA ASP B 336 8.66 -34.28 0.61
C ASP B 336 9.81 -34.99 -0.13
N ALA B 337 9.86 -36.32 -0.05
CA ALA B 337 10.93 -37.12 -0.66
C ALA B 337 11.08 -36.86 -2.16
N GLU B 338 9.96 -36.80 -2.87
CA GLU B 338 9.94 -36.58 -4.32
C GLU B 338 10.44 -35.19 -4.69
N ALA B 339 10.11 -34.20 -3.87
CA ALA B 339 10.59 -32.82 -4.07
C ALA B 339 12.10 -32.71 -3.80
N ALA B 340 12.57 -33.41 -2.76
CA ALA B 340 13.98 -33.41 -2.41
C ALA B 340 14.87 -34.02 -3.50
N GLN B 341 14.41 -35.08 -4.15
CA GLN B 341 15.09 -35.62 -5.36
C GLN B 341 15.28 -34.55 -6.43
N ASP B 342 14.24 -33.75 -6.63
CA ASP B 342 14.30 -32.65 -7.58
C ASP B 342 15.29 -31.57 -7.09
N ILE B 343 15.19 -31.17 -5.83
CA ILE B 343 16.05 -30.12 -5.25
C ILE B 343 17.53 -30.54 -5.26
N TYR B 344 17.81 -31.79 -4.86
CA TYR B 344 19.18 -32.35 -4.95
C TYR B 344 19.74 -32.29 -6.36
N SER B 345 18.91 -32.58 -7.35
CA SER B 345 19.32 -32.55 -8.75
C SER B 345 19.90 -31.19 -9.19
N LYS B 346 19.52 -30.13 -8.49
CA LYS B 346 20.03 -28.80 -8.80
C LYS B 346 21.45 -28.59 -8.31
N TYR B 347 21.87 -29.36 -7.30
CA TYR B 347 23.17 -29.15 -6.65
C TYR B 347 24.16 -30.30 -6.83
N LEU B 348 23.66 -31.53 -6.91
CA LEU B 348 24.44 -32.69 -7.39
C LEU B 348 24.34 -32.82 -8.90
N THR B 349 25.12 -32.00 -9.61
CA THR B 349 25.24 -32.07 -11.06
C THR B 349 26.33 -33.08 -11.40
N GLU B 350 26.40 -33.45 -12.68
CA GLU B 350 27.49 -34.29 -13.19
C GLU B 350 28.75 -33.51 -13.59
N PHE B 351 28.85 -32.26 -13.16
CA PHE B 351 30.09 -31.48 -13.33
C PHE B 351 30.91 -31.45 -12.03
N LEU B 352 30.42 -32.15 -11.00
CA LEU B 352 31.13 -32.35 -9.74
C LEU B 352 32.08 -33.53 -9.86
N PRO B 353 33.34 -33.38 -9.41
CA PRO B 353 34.20 -34.55 -9.33
C PRO B 353 33.59 -35.65 -8.47
N VAL B 354 33.49 -36.86 -9.03
CA VAL B 354 32.98 -38.04 -8.31
C VAL B 354 34.14 -39.00 -8.05
N HIS B 355 34.12 -39.64 -6.89
CA HIS B 355 35.19 -40.54 -6.47
C HIS B 355 35.14 -41.83 -7.29
N ALA B 356 36.31 -42.44 -7.49
CA ALA B 356 36.48 -43.59 -8.38
C ALA B 356 35.71 -44.84 -7.93
N ASP B 357 35.66 -45.08 -6.63
CA ASP B 357 34.89 -46.23 -6.07
C ASP B 357 33.38 -46.12 -6.33
N ASP B 358 32.86 -44.89 -6.30
CA ASP B 358 31.45 -44.62 -6.60
C ASP B 358 31.12 -44.86 -8.06
N LEU B 359 31.97 -44.35 -8.95
CA LEU B 359 31.85 -44.63 -10.38
C LEU B 359 32.03 -46.12 -10.78
N ALA B 360 32.76 -46.88 -9.97
CA ALA B 360 32.94 -48.34 -10.18
C ALA B 360 31.61 -49.07 -10.28
N GLU B 361 30.72 -48.80 -9.34
CA GLU B 361 29.40 -49.46 -9.31
C GLU B 361 28.47 -49.09 -10.46
N PHE B 362 28.80 -48.04 -11.24
CA PHE B 362 28.04 -47.69 -12.46
C PHE B 362 28.91 -47.61 -13.71
N ASP B 363 30.10 -48.23 -13.65
CA ASP B 363 31.00 -48.41 -14.80
C ASP B 363 31.25 -47.12 -15.61
N GLY B 364 31.55 -46.04 -14.89
CA GLY B 364 31.88 -44.76 -15.52
C GLY B 364 30.73 -43.91 -16.06
N ASP B 365 29.48 -44.37 -15.92
CA ASP B 365 28.32 -43.58 -16.35
C ASP B 365 27.91 -42.66 -15.19
N ARG B 366 28.20 -41.37 -15.33
CA ARG B 366 28.00 -40.39 -14.25
C ARG B 366 26.55 -39.95 -14.10
N SER B 367 25.77 -40.00 -15.19
CA SER B 367 24.33 -39.73 -15.10
C SER B 367 23.65 -40.74 -14.19
N ALA B 368 23.90 -42.02 -14.44
CA ALA B 368 23.31 -43.11 -13.63
C ALA B 368 23.91 -43.19 -12.23
N CYS B 369 25.19 -42.80 -12.10
CA CYS B 369 25.87 -42.76 -10.79
C CYS B 369 25.26 -41.71 -9.86
N ILE B 370 25.05 -40.51 -10.39
CA ILE B 370 24.48 -39.40 -9.61
C ILE B 370 23.00 -39.58 -9.32
N LYS B 371 22.20 -39.92 -10.34
CA LYS B 371 20.77 -40.15 -10.14
C LYS B 371 20.55 -41.24 -9.10
N ALA B 372 21.44 -42.22 -9.07
CA ALA B 372 21.45 -43.23 -8.00
C ALA B 372 21.84 -42.61 -6.66
N MET B 373 22.95 -41.86 -6.66
CA MET B 373 23.46 -41.17 -5.45
C MET B 373 22.43 -40.22 -4.81
N ILE B 374 21.71 -39.49 -5.66
CA ILE B 374 20.58 -38.65 -5.21
C ILE B 374 19.45 -39.51 -4.63
N GLU B 375 19.15 -40.66 -5.24
CA GLU B 375 18.15 -41.57 -4.68
C GLU B 375 18.56 -42.21 -3.37
N LYS B 376 19.86 -42.45 -3.19
CA LYS B 376 20.38 -43.01 -1.94
C LYS B 376 20.34 -41.96 -0.83
N VAL B 377 20.87 -40.77 -1.12
CA VAL B 377 20.93 -39.68 -0.13
C VAL B 377 19.54 -39.23 0.34
N VAL B 378 18.55 -39.23 -0.57
CA VAL B 378 17.16 -38.87 -0.22
C VAL B 378 16.51 -39.94 0.64
N ASP B 379 16.61 -41.20 0.20
CA ASP B 379 16.06 -42.33 0.98
C ASP B 379 16.56 -42.32 2.41
N ARG B 380 17.84 -41.99 2.60
CA ARG B 380 18.42 -41.95 3.95
C ARG B 380 18.02 -40.69 4.72
N MET B 381 17.83 -39.57 4.03
CA MET B 381 17.30 -38.37 4.66
C MET B 381 15.84 -38.54 5.10
N TYR B 382 15.03 -39.22 4.28
CA TYR B 382 13.58 -39.32 4.51
C TYR B 382 13.08 -40.57 5.25
N ALA B 383 13.97 -41.50 5.61
CA ALA B 383 13.56 -42.73 6.27
C ALA B 383 13.35 -42.54 7.78
N GLU B 384 12.53 -43.43 8.37
CA GLU B 384 12.16 -43.38 9.77
C GLU B 384 13.02 -44.36 10.57
N ILE B 385 14.27 -43.98 10.75
CA ILE B 385 15.26 -44.76 11.48
C ILE B 385 15.67 -43.99 12.72
N ASP B 386 16.16 -44.71 13.73
CA ASP B 386 16.53 -44.11 15.02
C ASP B 386 17.61 -43.02 14.90
N ASP B 387 18.43 -43.08 13.86
CA ASP B 387 19.48 -42.09 13.62
C ASP B 387 18.94 -40.73 13.12
N ASN B 388 17.83 -40.74 12.40
CA ASN B 388 17.18 -39.53 11.90
C ASN B 388 16.20 -38.89 12.87
N ARG B 389 15.96 -39.52 14.03
CA ARG B 389 15.03 -38.97 15.02
C ARG B 389 15.45 -37.58 15.43
N PHE B 390 14.49 -36.66 15.43
CA PHE B 390 14.76 -35.23 15.53
C PHE B 390 14.11 -34.60 16.75
N LEU B 391 12.79 -34.80 16.90
CA LEU B 391 12.00 -34.27 18.01
C LEU B 391 11.19 -35.35 18.70
N GLU B 392 10.76 -35.05 19.91
CA GLU B 392 9.75 -35.82 20.61
C GLU B 392 8.72 -34.83 21.15
N VAL B 393 7.47 -35.01 20.71
CA VAL B 393 6.37 -34.15 21.09
C VAL B 393 5.54 -34.86 22.13
N THR B 394 5.14 -34.12 23.16
CA THR B 394 4.23 -34.60 24.20
C THR B 394 2.96 -33.72 24.11
N TYR B 395 1.80 -34.38 24.05
CA TYR B 395 0.51 -33.68 23.94
C TYR B 395 -0.15 -33.53 25.30
N ALA B 396 -1.22 -32.74 25.34
CA ALA B 396 -1.96 -32.47 26.57
C ALA B 396 -2.72 -33.69 27.11
N ASN B 397 -3.03 -34.66 26.25
CA ASN B 397 -3.68 -35.92 26.68
C ASN B 397 -2.71 -37.03 27.11
N GLY B 398 -1.41 -36.74 27.19
CA GLY B 398 -0.40 -37.71 27.63
C GLY B 398 0.27 -38.52 26.52
N ASP B 399 -0.28 -38.50 25.31
CA ASP B 399 0.32 -39.19 24.15
C ASP B 399 1.64 -38.51 23.76
N LYS B 400 2.52 -39.27 23.11
CA LYS B 400 3.79 -38.74 22.61
C LYS B 400 4.06 -39.25 21.18
N GLU B 401 4.60 -38.36 20.36
CA GLU B 401 4.96 -38.68 18.98
C GLU B 401 6.38 -38.23 18.70
N VAL B 402 7.09 -38.98 17.86
CA VAL B 402 8.47 -38.70 17.49
C VAL B 402 8.50 -38.19 16.05
N MET B 403 9.08 -37.02 15.84
CA MET B 403 9.28 -36.47 14.49
C MET B 403 10.69 -36.77 14.01
N TYR B 404 10.83 -36.96 12.69
CA TYR B 404 12.12 -37.23 12.04
C TYR B 404 12.55 -36.04 11.18
N PHE B 405 13.76 -36.11 10.62
CA PHE B 405 14.30 -35.08 9.70
C PHE B 405 13.38 -34.85 8.49
N LYS B 406 12.68 -35.89 8.05
CA LYS B 406 11.76 -35.81 6.91
C LYS B 406 10.77 -34.65 7.06
N ASP B 407 10.31 -34.40 8.28
CA ASP B 407 9.24 -33.43 8.54
C ASP B 407 9.72 -31.99 8.75
N PHE B 408 11.03 -31.75 8.77
CA PHE B 408 11.60 -30.40 8.99
C PHE B 408 12.65 -30.00 7.97
N ASN B 409 12.61 -30.64 6.80
CA ASN B 409 13.59 -30.38 5.75
C ASN B 409 13.23 -29.08 5.04
N SER B 410 14.19 -28.55 4.28
CA SER B 410 13.97 -27.39 3.45
C SER B 410 14.93 -27.47 2.29
N GLY B 411 14.69 -26.65 1.27
CA GLY B 411 15.59 -26.57 0.13
C GLY B 411 16.93 -26.00 0.52
N ALA B 412 16.93 -25.05 1.47
CA ALA B 412 18.15 -24.47 2.02
C ALA B 412 18.97 -25.48 2.80
N MET B 413 18.29 -26.45 3.41
CA MET B 413 18.96 -27.52 4.14
C MET B 413 19.55 -28.57 3.21
N ILE B 414 18.84 -28.86 2.11
CA ILE B 414 19.34 -29.81 1.10
C ILE B 414 20.61 -29.27 0.46
N GLN B 415 20.59 -27.99 0.08
CA GLN B 415 21.77 -27.35 -0.47
C GLN B 415 22.91 -27.32 0.52
N ASN B 416 22.61 -27.02 1.78
CA ASN B 416 23.65 -27.03 2.82
C ASN B 416 24.25 -28.42 3.01
N VAL B 417 23.44 -29.48 2.93
CA VAL B 417 23.95 -30.87 2.95
C VAL B 417 24.90 -31.15 1.79
N VAL B 418 24.60 -30.62 0.61
CA VAL B 418 25.48 -30.76 -0.55
C VAL B 418 26.77 -29.97 -0.36
N ASP B 419 26.68 -28.75 0.17
CA ASP B 419 27.87 -27.92 0.37
C ASP B 419 28.85 -28.48 1.40
N ARG B 420 28.35 -29.13 2.45
CA ARG B 420 29.23 -29.78 3.41
C ARG B 420 29.83 -31.05 2.80
N ALA B 421 29.06 -31.76 1.98
CA ALA B 421 29.59 -32.93 1.26
C ALA B 421 30.73 -32.54 0.33
N LYS B 422 30.59 -31.41 -0.37
CA LYS B 422 31.68 -30.88 -1.21
C LYS B 422 32.91 -30.52 -0.40
N LYS B 423 32.70 -29.86 0.73
CA LYS B 423 33.79 -29.48 1.63
C LYS B 423 34.48 -30.70 2.25
N ASN B 424 33.73 -31.78 2.49
CA ASN B 424 34.35 -33.05 2.92
C ASN B 424 35.15 -33.75 1.81
N ALA B 425 34.76 -33.55 0.54
CA ALA B 425 35.53 -34.05 -0.61
C ALA B 425 36.82 -33.25 -0.79
N ILE B 426 36.72 -31.94 -0.66
CA ILE B 426 37.90 -31.07 -0.71
C ILE B 426 38.89 -31.44 0.42
N LYS B 427 38.36 -31.74 1.61
CA LYS B 427 39.20 -32.23 2.72
C LYS B 427 39.76 -33.62 2.40
N SER B 428 38.97 -34.46 1.76
CA SER B 428 39.39 -35.83 1.38
C SER B 428 40.53 -35.80 0.37
N VAL B 429 40.41 -34.94 -0.65
CA VAL B 429 41.49 -34.68 -1.62
C VAL B 429 42.81 -34.42 -0.89
N LEU B 430 42.78 -33.41 -0.03
CA LEU B 430 43.97 -32.97 0.68
C LEU B 430 44.53 -34.04 1.64
N GLU B 431 43.66 -34.77 2.33
CA GLU B 431 44.07 -35.71 3.37
C GLU B 431 44.42 -37.12 2.88
N THR B 432 43.67 -37.63 1.91
CA THR B 432 43.90 -38.97 1.35
C THR B 432 44.63 -38.99 0.00
N GLY B 433 44.57 -37.88 -0.74
CA GLY B 433 45.12 -37.80 -2.10
C GLY B 433 44.11 -38.13 -3.19
N GLN B 434 43.07 -38.88 -2.84
CA GLN B 434 42.10 -39.36 -3.82
C GLN B 434 41.07 -38.28 -4.11
N PRO B 435 40.90 -37.90 -5.39
CA PRO B 435 39.89 -36.90 -5.70
C PRO B 435 38.46 -37.45 -5.65
N GLY B 436 37.50 -36.53 -5.71
CA GLY B 436 36.09 -36.87 -5.90
C GLY B 436 35.20 -36.91 -4.67
N LEU B 437 33.91 -36.80 -4.93
CA LEU B 437 32.86 -36.82 -3.93
C LEU B 437 32.31 -38.25 -3.80
N ARG B 438 32.48 -38.86 -2.64
CA ARG B 438 31.82 -40.14 -2.32
C ARG B 438 30.36 -39.97 -1.89
N ILE B 439 29.58 -41.02 -2.06
CA ILE B 439 28.26 -41.14 -1.43
C ILE B 439 28.37 -40.86 0.07
N GLN B 440 29.41 -41.39 0.72
CA GLN B 440 29.54 -41.28 2.17
C GLN B 440 29.76 -39.85 2.66
N HIS B 441 30.31 -38.99 1.81
CA HIS B 441 30.42 -37.56 2.14
C HIS B 441 29.05 -36.92 2.32
N LEU B 442 28.11 -37.25 1.44
CA LEU B 442 26.72 -36.80 1.56
C LEU B 442 26.01 -37.40 2.75
N LEU B 443 26.14 -38.71 2.93
CA LEU B 443 25.44 -39.41 4.02
C LEU B 443 25.89 -38.95 5.39
N ASP B 444 27.20 -38.75 5.56
CA ASP B 444 27.76 -38.13 6.77
C ASP B 444 27.31 -36.68 6.94
N SER B 445 27.20 -35.97 5.82
CA SER B 445 26.76 -34.57 5.84
C SER B 445 25.32 -34.37 6.31
N ILE B 446 24.44 -35.36 6.14
CA ILE B 446 23.04 -35.25 6.59
C ILE B 446 22.98 -35.09 8.10
N VAL B 447 23.47 -36.08 8.81
CA VAL B 447 23.43 -36.07 10.28
C VAL B 447 24.28 -34.94 10.88
N ASP B 448 25.40 -34.56 10.24
CA ASP B 448 26.19 -33.41 10.67
C ASP B 448 25.46 -32.09 10.49
N GLU B 449 24.74 -31.95 9.37
CA GLU B 449 23.89 -30.77 9.10
C GLU B 449 22.72 -30.66 10.07
N PHE B 450 22.05 -31.78 10.33
CA PHE B 450 20.91 -31.76 11.24
C PHE B 450 21.35 -31.61 12.69
N ALA B 451 22.47 -32.21 13.07
CA ALA B 451 23.07 -31.97 14.39
C ALA B 451 23.46 -30.50 14.58
N GLU B 452 23.97 -29.84 13.53
CA GLU B 452 24.29 -28.39 13.57
C GLU B 452 23.08 -27.51 13.90
N ASN B 453 21.89 -27.95 13.48
CA ASN B 453 20.63 -27.21 13.68
C ASN B 453 19.64 -27.98 14.58
N GLU B 454 20.16 -28.89 15.42
CA GLU B 454 19.35 -29.65 16.38
C GLU B 454 19.25 -28.90 17.72
N ASP B 455 19.82 -27.68 17.78
CA ASP B 455 19.65 -26.75 18.91
C ASP B 455 18.81 -25.52 18.56
N LEU B 456 19.10 -24.93 17.40
CA LEU B 456 18.91 -23.50 17.18
C LEU B 456 17.48 -23.08 16.83
N PRO B 457 17.16 -21.78 16.99
CA PRO B 457 15.83 -21.27 16.63
C PRO B 457 15.54 -21.10 15.12
N ASN B 458 16.59 -21.06 14.29
CA ASN B 458 16.42 -20.97 12.83
C ASN B 458 15.70 -22.19 12.18
N THR B 459 15.83 -23.35 12.81
CA THR B 459 15.40 -24.63 12.24
C THR B 459 13.88 -24.83 12.17
N THR B 460 13.14 -24.36 13.18
CA THR B 460 11.69 -24.61 13.31
C THR B 460 10.83 -23.35 13.17
N ASN B 461 9.53 -23.56 12.99
CA ASN B 461 8.58 -22.49 12.66
C ASN B 461 7.18 -22.87 13.20
N PRO B 462 6.39 -21.87 13.71
CA PRO B 462 5.00 -22.11 14.18
C PRO B 462 4.06 -22.87 13.23
N ASP B 463 4.26 -22.72 11.92
CA ASP B 463 3.59 -23.55 10.92
C ASP B 463 3.79 -25.05 11.17
N ASP B 464 4.95 -25.44 11.71
CA ASP B 464 5.24 -26.84 12.04
C ASP B 464 4.46 -27.30 13.26
N TRP B 465 4.47 -26.51 14.34
CA TRP B 465 3.77 -26.89 15.59
C TRP B 465 2.27 -26.91 15.37
N ALA B 466 1.79 -25.91 14.64
CA ALA B 466 0.41 -25.89 14.22
C ALA B 466 0.08 -27.15 13.43
N ARG B 467 0.90 -27.50 12.43
CA ARG B 467 0.73 -28.73 11.62
C ARG B 467 0.74 -30.02 12.44
N ILE B 468 1.65 -30.11 13.42
CA ILE B 468 1.82 -31.31 14.26
C ILE B 468 0.63 -31.44 15.21
N SER B 469 0.36 -30.34 15.93
CA SER B 469 -0.81 -30.21 16.81
C SER B 469 -2.11 -30.52 16.06
N GLY B 470 -2.26 -29.94 14.87
CA GLY B 470 -3.42 -30.15 14.01
C GLY B 470 -3.72 -31.60 13.70
N LYS B 471 -2.73 -32.31 13.16
CA LYS B 471 -2.88 -33.72 12.77
C LYS B 471 -3.31 -34.60 13.94
N LYS B 472 -2.72 -34.36 15.11
CA LYS B 472 -3.11 -35.06 16.34
C LYS B 472 -4.47 -34.60 16.85
N GLY B 473 -4.77 -33.32 16.70
CA GLY B 473 -5.96 -32.72 17.28
C GLY B 473 -5.80 -32.42 18.75
N GLU B 474 -4.56 -32.37 19.23
CA GLU B 474 -4.24 -32.08 20.62
C GLU B 474 -3.22 -30.94 20.68
N ARG B 475 -3.18 -30.25 21.81
CA ARG B 475 -2.26 -29.15 22.06
C ARG B 475 -0.88 -29.67 22.49
N ILE B 476 0.19 -29.11 21.91
CA ILE B 476 1.56 -29.49 22.28
C ILE B 476 1.95 -28.82 23.60
N VAL B 477 2.31 -29.63 24.60
CA VAL B 477 2.70 -29.13 25.94
C VAL B 477 4.20 -29.22 26.28
N TYR B 478 4.93 -30.14 25.63
CA TYR B 478 6.39 -30.30 25.83
C TYR B 478 7.07 -30.83 24.57
N ILE B 479 8.13 -30.16 24.14
CA ILE B 479 8.94 -30.57 22.98
C ILE B 479 10.36 -30.88 23.46
N ARG B 480 11.00 -31.85 22.81
CA ARG B 480 12.36 -32.25 23.13
C ARG B 480 13.09 -32.73 21.86
N THR B 481 14.33 -32.27 21.65
CA THR B 481 15.17 -32.77 20.55
C THR B 481 15.87 -34.07 20.97
N LEU B 482 16.36 -34.83 19.98
CA LEU B 482 16.92 -36.17 20.20
C LEU B 482 18.23 -36.40 19.43
N ALA B 490 22.88 -35.56 21.08
CA ALA B 490 22.51 -34.74 22.24
C ALA B 490 20.99 -34.74 22.46
N SER B 491 20.56 -34.11 23.56
CA SER B 491 19.12 -33.98 23.93
C SER B 491 18.82 -32.63 24.59
N ARG B 492 17.96 -31.82 23.96
CA ARG B 492 17.56 -30.48 24.47
C ARG B 492 16.03 -30.28 24.40
N ALA B 493 15.51 -29.37 25.21
CA ALA B 493 14.07 -29.03 25.23
C ALA B 493 13.81 -27.68 24.57
N ILE B 494 12.55 -27.48 24.14
CA ILE B 494 12.11 -26.23 23.49
C ILE B 494 10.73 -25.84 24.05
N ASP B 495 10.56 -24.54 24.31
CA ASP B 495 9.30 -24.00 24.85
C ASP B 495 8.14 -24.07 23.84
N THR B 496 6.91 -24.08 24.35
CA THR B 496 5.68 -24.19 23.55
C THR B 496 4.83 -22.93 23.68
#